data_9AYG
#
_entry.id   9AYG
#
_cell.length_a   1.00
_cell.length_b   1.00
_cell.length_c   1.00
_cell.angle_alpha   90.00
_cell.angle_beta   90.00
_cell.angle_gamma   90.00
#
_symmetry.space_group_name_H-M   'P 1'
#
loop_
_entity.id
_entity.type
_entity.pdbx_description
1 polymer 'Voltage-dependent T-type calcium channel subunit alpha-1H'
2 non-polymer 2-acetamido-2-deoxy-beta-D-glucopyranose
3 non-polymer 'CALCIUM ION'
4 non-polymer 1-O-OCTADECYL-SN-GLYCERO-3-PHOSPHOCHOLINE
5 non-polymer 'CHOLESTEROL HEMISUCCINATE'
6 non-polymer '[(2~{R})-3-[2-azanylethoxy(oxidanyl)phosphoryl]oxy-2-pentadecanoyloxy-propyl] pentadecanoate'
#
_entity_poly.entity_id   1
_entity_poly.type   'polypeptide(L)'
_entity_poly.pdbx_seq_one_letter_code
;MASWSHPQFEKGGGARGGSGGGSWSHPQFEKGFDYKDDDDKGTMTEGARAADEVRVPLGAPPPGPAALVGASPESPGAPG
REAERGSELGVSPSESPAAERGAELGADEEQRVPYPALAATVFFCLGQTTRPRSWCLRLVCNPWFEHVSMLVIMLNCVTL
GMFRPCEDVECGSERCNILEAFDAFIFAFFAVEMVIKMVALGLFGQKCYLGDTWNRLDFFIVVAGMMEYSLDGHNVSLSA
IRTVRVLRPLRAINRVPSMRILVTLLLDTLPMLGNVLLLCFFVFFIFGIVGVQLWAGLLRNRCFLDSAFVRNNNLTFLRP
YYQTEEGEENPFICSSRRDNGMQKCSHIPGRRELRMPCTLGWEAYTQPQAEGVGAARNACINWNQYYNVCRSGDSNPHNG
AINFDNIGYAWIAIFQVITLEGWVDIMYYVMDAHSFYNFIYFILLIIVGSFFMINLCLVVIATQFSETKQRESQLMREQR
ARHLSNDSTLASFSEPGSCYEELLKYVGHIFRKVKRRSLRLYARWQSRWRKKVDPGWMGRLWVTFSGKLRRIVDSKYFSR
GIMMAILVNTLSMGVEYHEQPEELTNALEISNIVFTSMFALEMLLKLLACGPLGYIRNPYNIFDGIIVVISVWEIVGQAD
GGLSVLRTFRLLRVLKLVRFLPALRRQLVVLVKTMDNVATFCTLLMLFIFIFSILGMHLFGCKFSLKTDTGDTVPDRKNF
DSLLWAIVTVFQILTQEDWNVVLYNGMASTSSWAALYFVALMTFGNYVLFNLLVAILVEGFQAEGDANRSDTDEDKTSVH
FEEDFHKLRELQTTELKMCSLAVTPNGHLEGRGSLSPPLIMCTAATPMPTPKSSPFLDAAPSLPDSRRGSSSSGDPPLGD
QKPPASLRSSPCAPWGPSGAWSSRRSSWSSLGRAPSLKRRGQCGERESLLSGEGKGSTDDEAEDGRAAPGPRATPLRRAE
SLDPRPLRPAALPPTKCRDRDGQVVALPSDFFLRIDSHREDAAELDDDSEDSCCLRLHKVLEPYKPQWCRSREAWALYLF
SPQNRFRVSCQKVITHKMFDHVVLVFIFLNCVTIALERPDIDPGSTERVFLSVSNYIFTAIFVAEMMVKVVALGLLSGEH
AYLQSSWNLLDGLLVLVSLVDIVVAMASAGGAKILGVLRVLRLLRTLRPLRVISRAPGLKLVVETLISSLRPIGNIVLIC
CAFFIIFGILGVQLFKGKFYYCEGPDTRNISTKAQCRAAHYRWVRRKYNFDNLGQALMSLFVLSSKDGWVNIMYDGLDAV
GVDQQPVQNHNPWMLLYFISFLLIVSFFVLNMFVGVVVENFHKCRQHQEAEEARRREEKRLRRLERRRRSTFPSPEAQRR
PYYADYSPTRRSIHSLCTSHYLDLFITFIICVNVITMSMEHYNQPKSLDEALKYCNYVFTIVFVFEAALKLVAFGFRRFF
KDRWNQLDLAIVLLSLMGITLEEIEMSAALPINPTIIRIMRVLRIARVLKLLKMATGMRALLDTVVQALPQVGNLGLLFM
LLFFIYAALGVELFGRLECSEDNPCEGLSRHATFSNFGMAFLTLFRVSTGDNWNGIMKDTLRECSREDKHCLSYLPALSP
VYFVTFVLVAQFVLVNVVVAVLMKHLEESNKEAREDAELDAEIELEMAQGPGSARRVDADRPPLPQESPGARDAPNLVAR
KVSVSRMLSLPNDSYMFRPVVPASAPHPRPLQEVEMETYGAGTPLGSVASVHSPPAESCASLQIPLAVSSPARSGEPLHA
LSPRGTARSPSLSRLLCRQEAVHTDSLEGKIDSPRDTLDPAEPGEKTPVRPVTQGGSLQSPPRSPRPASVRTRKHTFGQR
CVSSRPAAPGGEEAEASDPADEEVSHITSSACPWQPTAEPHGPEASPVAGGERDLRRLYSVDAQGFLDKPGRADEQWRPS
AELGSGEPGEAKAWGPEAEPALGARRKKKMSPPCISVEPPAEDEGSARPSAAEGGSTTLRRRTPSCEATPHRDSLEPTEG
SGAGGDPAAKGERWGQASCRAEHLTVPSFAFEPLDLGVPSGDPFLDGSHSVTPESRASSSGAIVPLEPPESEPPMPVGDP
PEKRRGLYLTVPQCPLEKPGSPSATPAPGGGADDPV
;
_entity_poly.pdbx_strand_id   A
#
# COMPACT_ATOMS: atom_id res chain seq x y z
N LEU A 139 27.05 -21.30 -40.40
CA LEU A 139 25.62 -20.90 -40.47
C LEU A 139 24.96 -20.93 -39.09
N VAL A 140 24.68 -22.13 -38.59
CA VAL A 140 23.97 -22.29 -37.33
C VAL A 140 24.85 -22.89 -36.24
N CYS A 141 25.90 -23.63 -36.58
CA CYS A 141 26.76 -24.28 -35.61
C CYS A 141 27.93 -23.41 -35.18
N ASN A 142 27.81 -22.09 -35.26
CA ASN A 142 28.84 -21.17 -34.82
C ASN A 142 28.23 -20.07 -33.97
N PRO A 143 28.99 -19.50 -33.03
CA PRO A 143 28.39 -18.52 -32.11
C PRO A 143 28.23 -17.14 -32.71
N TRP A 144 29.10 -16.75 -33.65
CA TRP A 144 29.02 -15.39 -34.20
C TRP A 144 27.71 -15.12 -34.92
N PHE A 145 27.05 -16.17 -35.43
CA PHE A 145 25.76 -15.94 -36.07
C PHE A 145 24.70 -15.54 -35.04
N GLU A 146 24.83 -16.06 -33.81
CA GLU A 146 23.93 -15.62 -32.74
C GLU A 146 24.28 -14.21 -32.29
N HIS A 147 25.56 -13.85 -32.28
CA HIS A 147 25.94 -12.49 -31.95
C HIS A 147 25.34 -11.50 -32.94
N VAL A 148 25.42 -11.80 -34.23
CA VAL A 148 24.82 -10.93 -35.24
C VAL A 148 23.33 -10.81 -34.99
N SER A 149 22.68 -11.91 -34.60
CA SER A 149 21.26 -11.86 -34.30
C SER A 149 20.99 -10.94 -33.10
N MET A 150 21.85 -10.99 -32.09
CA MET A 150 21.66 -10.13 -30.93
C MET A 150 21.85 -8.66 -31.28
N LEU A 151 22.75 -8.36 -32.22
CA LEU A 151 22.94 -6.97 -32.63
C LEU A 151 21.69 -6.44 -33.31
N VAL A 152 21.06 -7.26 -34.14
CA VAL A 152 19.86 -6.82 -34.85
C VAL A 152 18.68 -6.72 -33.89
N ILE A 153 18.62 -7.59 -32.89
CA ILE A 153 17.57 -7.50 -31.88
C ILE A 153 17.73 -6.20 -31.08
N MET A 154 18.97 -5.86 -30.73
CA MET A 154 19.21 -4.61 -30.02
C MET A 154 18.87 -3.41 -30.89
N LEU A 155 19.11 -3.53 -32.21
CA LEU A 155 18.83 -2.42 -33.11
C LEU A 155 17.34 -2.14 -33.17
N ASN A 156 16.51 -3.18 -33.13
CA ASN A 156 15.07 -2.97 -33.11
C ASN A 156 14.60 -2.27 -31.85
N CYS A 157 15.27 -2.50 -30.73
CA CYS A 157 14.90 -1.82 -29.49
C CYS A 157 15.07 -0.31 -29.61
N VAL A 158 16.03 0.13 -30.42
CA VAL A 158 16.27 1.56 -30.57
C VAL A 158 15.19 2.18 -31.44
N THR A 159 14.82 1.51 -32.53
CA THR A 159 13.79 2.04 -33.41
C THR A 159 12.42 2.02 -32.75
N LEU A 160 12.15 1.04 -31.90
CA LEU A 160 10.88 1.01 -31.19
C LEU A 160 10.77 2.15 -30.20
N GLY A 161 11.87 2.49 -29.53
CA GLY A 161 11.86 3.60 -28.59
C GLY A 161 11.79 4.95 -29.28
N MET A 162 12.21 5.01 -30.54
CA MET A 162 12.19 6.26 -31.30
C MET A 162 10.80 6.65 -31.76
N PHE A 163 9.79 5.83 -31.45
CA PHE A 163 8.42 6.09 -31.86
C PHE A 163 7.88 7.34 -31.17
N ARG A 164 7.19 8.18 -31.95
CA ARG A 164 6.52 9.37 -31.43
C ARG A 164 5.03 9.24 -31.69
N PRO A 165 4.20 9.04 -30.66
CA PRO A 165 2.78 8.73 -30.93
C PRO A 165 2.02 9.83 -31.65
N CYS A 166 2.33 11.11 -31.39
CA CYS A 166 1.61 12.26 -32.00
C CYS A 166 2.13 12.53 -33.41
N GLU A 167 3.42 12.33 -33.69
CA GLU A 167 4.01 12.74 -34.97
C GLU A 167 4.18 11.60 -35.96
N ASP A 168 4.40 10.36 -35.50
CA ASP A 168 4.65 9.27 -36.42
C ASP A 168 3.38 8.63 -36.97
N VAL A 169 2.26 8.71 -36.23
CA VAL A 169 1.06 8.02 -36.66
C VAL A 169 0.54 8.57 -37.97
N GLU A 170 0.90 9.82 -38.31
CA GLU A 170 0.46 10.40 -39.57
C GLU A 170 1.40 10.07 -40.72
N CYS A 171 2.55 9.43 -40.46
CA CYS A 171 3.42 8.85 -41.46
C CYS A 171 3.95 9.87 -42.45
N GLY A 172 4.03 11.15 -42.06
CA GLY A 172 4.39 12.19 -43.01
C GLY A 172 5.85 12.57 -43.01
N SER A 173 6.54 12.37 -41.89
CA SER A 173 7.90 12.88 -41.72
C SER A 173 8.91 11.98 -42.41
N GLU A 174 10.00 12.60 -42.89
CA GLU A 174 11.12 11.83 -43.41
C GLU A 174 11.74 10.97 -42.32
N ARG A 175 11.87 11.52 -41.10
CA ARG A 175 12.37 10.74 -39.99
C ARG A 175 11.60 9.43 -39.86
N CYS A 176 10.27 9.50 -39.95
CA CYS A 176 9.47 8.30 -39.94
C CYS A 176 9.84 7.38 -41.10
N ASN A 177 9.87 7.93 -42.32
CA ASN A 177 10.06 7.08 -43.51
C ASN A 177 11.31 6.21 -43.38
N ILE A 178 12.36 6.73 -42.75
CA ILE A 178 13.59 5.94 -42.63
C ILE A 178 13.49 4.95 -41.47
N LEU A 179 12.65 5.24 -40.48
CA LEU A 179 12.47 4.27 -39.38
C LEU A 179 11.69 3.05 -39.85
N GLU A 180 10.63 3.26 -40.63
CA GLU A 180 9.97 2.14 -41.29
C GLU A 180 10.90 1.45 -42.30
N ALA A 181 11.84 2.20 -42.88
CA ALA A 181 12.84 1.55 -43.73
C ALA A 181 13.78 0.69 -42.90
N PHE A 182 14.26 1.22 -41.79
CA PHE A 182 15.06 0.41 -40.86
C PHE A 182 14.29 -0.81 -40.39
N ASP A 183 13.02 -0.62 -40.01
CA ASP A 183 12.23 -1.73 -39.50
C ASP A 183 12.03 -2.80 -40.55
N ALA A 184 11.80 -2.40 -41.80
CA ALA A 184 11.70 -3.37 -42.88
C ALA A 184 13.02 -4.11 -43.05
N PHE A 185 14.14 -3.40 -43.00
CA PHE A 185 15.45 -4.04 -43.06
C PHE A 185 15.60 -5.07 -41.93
N ILE A 186 15.21 -4.69 -40.71
CA ILE A 186 15.37 -5.59 -39.58
C ILE A 186 14.45 -6.79 -39.73
N PHE A 187 13.22 -6.56 -40.18
CA PHE A 187 12.27 -7.66 -40.36
C PHE A 187 12.75 -8.61 -41.46
N ALA A 188 13.41 -8.07 -42.48
CA ALA A 188 13.93 -8.92 -43.55
C ALA A 188 14.99 -9.87 -43.01
N PHE A 189 15.90 -9.36 -42.19
CA PHE A 189 16.90 -10.21 -41.55
C PHE A 189 16.24 -11.31 -40.73
N PHE A 190 15.26 -10.94 -39.91
CA PHE A 190 14.61 -11.92 -39.04
C PHE A 190 13.92 -13.01 -39.86
N ALA A 191 13.44 -12.67 -41.06
CA ALA A 191 12.92 -13.70 -41.95
C ALA A 191 14.03 -14.58 -42.47
N VAL A 192 15.20 -13.99 -42.75
CA VAL A 192 16.32 -14.78 -43.26
C VAL A 192 16.85 -15.70 -42.17
N GLU A 193 16.93 -15.21 -40.94
CA GLU A 193 17.38 -16.05 -39.84
C GLU A 193 16.46 -17.24 -39.66
N MET A 194 15.15 -17.01 -39.67
CA MET A 194 14.20 -18.10 -39.50
C MET A 194 14.34 -19.12 -40.63
N VAL A 195 14.57 -18.63 -41.86
CA VAL A 195 14.74 -19.54 -42.98
C VAL A 195 15.99 -20.39 -42.78
N ILE A 196 17.11 -19.75 -42.42
CA ILE A 196 18.37 -20.47 -42.28
C ILE A 196 18.25 -21.51 -41.17
N LYS A 197 17.73 -21.11 -40.01
CA LYS A 197 17.60 -22.07 -38.92
C LYS A 197 16.56 -23.14 -39.24
N MET A 198 15.61 -22.83 -40.12
CA MET A 198 14.69 -23.86 -40.60
C MET A 198 15.42 -24.83 -41.52
N VAL A 199 16.13 -24.31 -42.51
CA VAL A 199 16.83 -25.16 -43.46
C VAL A 199 17.84 -26.05 -42.74
N ALA A 200 18.32 -25.61 -41.59
CA ALA A 200 19.40 -26.32 -40.91
C ALA A 200 18.88 -27.42 -39.98
N LEU A 201 17.63 -27.32 -39.55
CA LEU A 201 17.13 -28.18 -38.48
C LEU A 201 15.84 -28.92 -38.81
N GLY A 202 14.99 -28.40 -39.68
CA GLY A 202 13.72 -29.05 -39.97
C GLY A 202 12.75 -28.88 -38.81
N LEU A 203 11.49 -29.18 -39.10
CA LEU A 203 10.42 -29.00 -38.12
C LEU A 203 10.68 -29.82 -36.86
N ASP A 212 10.70 -26.85 -28.32
CA ASP A 212 11.44 -25.69 -27.81
C ASP A 212 10.56 -24.45 -27.86
N THR A 213 10.20 -23.94 -26.68
CA THR A 213 9.34 -22.77 -26.60
C THR A 213 9.92 -21.60 -27.38
N TRP A 214 11.24 -21.42 -27.32
CA TRP A 214 11.84 -20.19 -27.82
C TRP A 214 11.98 -20.21 -29.34
N ASN A 215 12.02 -21.39 -29.95
CA ASN A 215 11.97 -21.46 -31.41
C ASN A 215 10.55 -21.22 -31.91
N ARG A 216 9.55 -21.78 -31.21
CA ARG A 216 8.16 -21.41 -31.50
C ARG A 216 7.97 -19.91 -31.40
N LEU A 217 8.53 -19.28 -30.38
CA LEU A 217 8.29 -17.86 -30.15
C LEU A 217 8.77 -17.03 -31.34
N ASP A 218 9.99 -17.29 -31.81
CA ASP A 218 10.50 -16.58 -32.97
C ASP A 218 9.59 -16.77 -34.18
N PHE A 219 8.96 -17.94 -34.28
CA PHE A 219 8.04 -18.19 -35.38
C PHE A 219 6.78 -17.36 -35.22
N PHE A 220 6.21 -17.33 -34.01
CA PHE A 220 5.02 -16.53 -33.77
C PHE A 220 5.29 -15.07 -34.11
N ILE A 221 6.43 -14.54 -33.66
CA ILE A 221 6.74 -13.14 -33.90
C ILE A 221 6.93 -12.89 -35.40
N VAL A 222 7.55 -13.84 -36.10
CA VAL A 222 7.75 -13.68 -37.54
C VAL A 222 6.42 -13.78 -38.27
N VAL A 223 5.58 -14.73 -37.87
CA VAL A 223 4.28 -14.91 -38.52
C VAL A 223 3.42 -13.67 -38.34
N ALA A 224 3.32 -13.19 -37.09
CA ALA A 224 2.53 -11.99 -36.83
C ALA A 224 3.10 -10.79 -37.57
N GLY A 225 4.43 -10.64 -37.58
CA GLY A 225 5.03 -9.52 -38.28
C GLY A 225 4.74 -9.54 -39.76
N MET A 226 4.74 -10.74 -40.35
CA MET A 226 4.45 -10.84 -41.79
C MET A 226 3.02 -10.43 -42.10
N MET A 227 2.08 -10.79 -41.24
CA MET A 227 0.70 -10.35 -41.44
C MET A 227 0.61 -8.83 -41.43
N GLU A 228 1.25 -8.19 -40.45
CA GLU A 228 1.28 -6.73 -40.42
C GLU A 228 2.06 -6.17 -41.60
N TYR A 229 3.23 -6.77 -41.88
CA TYR A 229 4.07 -6.27 -42.98
C TYR A 229 3.36 -6.38 -44.32
N SER A 230 2.63 -7.47 -44.54
CA SER A 230 2.00 -7.69 -45.85
C SER A 230 0.64 -7.01 -45.95
N LEU A 231 -0.04 -6.79 -44.83
CA LEU A 231 -1.38 -6.20 -44.89
C LEU A 231 -1.34 -4.75 -45.34
N ASP A 232 -0.17 -4.11 -45.34
CA ASP A 232 -0.08 -2.72 -45.76
C ASP A 232 -0.68 -2.54 -47.15
N GLY A 233 -1.73 -1.72 -47.22
CA GLY A 233 -2.47 -1.54 -48.44
C GLY A 233 -3.97 -1.43 -48.16
N HIS A 234 -4.43 -2.15 -47.14
CA HIS A 234 -5.80 -2.05 -46.67
C HIS A 234 -5.83 -1.09 -45.49
N ASN A 235 -6.71 -0.08 -45.57
CA ASN A 235 -6.69 1.00 -44.60
C ASN A 235 -7.47 0.66 -43.33
N VAL A 236 -8.13 -0.49 -43.28
CA VAL A 236 -8.97 -0.85 -42.15
C VAL A 236 -8.07 -1.43 -41.04
N SER A 237 -8.04 -0.74 -39.90
CA SER A 237 -7.35 -1.22 -38.70
C SER A 237 -5.87 -1.49 -38.93
N LEU A 238 -5.25 -0.79 -39.89
CA LEU A 238 -3.81 -0.94 -40.08
C LEU A 238 -3.04 -0.42 -38.88
N SER A 239 -3.43 0.74 -38.35
CA SER A 239 -2.72 1.31 -37.21
C SER A 239 -2.84 0.44 -35.97
N ALA A 240 -3.96 -0.26 -35.81
CA ALA A 240 -4.12 -1.15 -34.66
C ALA A 240 -3.27 -2.40 -34.83
N ILE A 241 -3.07 -2.85 -36.07
CA ILE A 241 -2.27 -4.04 -36.29
C ILE A 241 -0.79 -3.75 -36.14
N ARG A 242 -0.40 -2.49 -36.26
CA ARG A 242 0.98 -2.08 -35.99
C ARG A 242 1.41 -2.40 -34.56
N THR A 243 0.47 -2.74 -33.68
CA THR A 243 0.79 -2.94 -32.28
C THR A 243 1.59 -4.23 -32.05
N VAL A 244 1.52 -5.19 -32.97
CA VAL A 244 2.19 -6.47 -32.76
C VAL A 244 3.71 -6.30 -32.68
N ARG A 245 4.23 -5.15 -33.07
CA ARG A 245 5.67 -4.96 -33.09
C ARG A 245 6.28 -4.97 -31.70
N VAL A 246 5.47 -4.67 -30.67
CA VAL A 246 6.00 -4.55 -29.32
C VAL A 246 6.42 -5.89 -28.72
N LEU A 247 6.17 -7.00 -29.42
CA LEU A 247 6.59 -8.30 -28.91
C LEU A 247 8.04 -8.61 -29.24
N ARG A 248 8.65 -7.90 -30.18
CA ARG A 248 9.95 -8.30 -30.69
C ARG A 248 11.05 -8.35 -29.63
N PRO A 249 11.11 -7.44 -28.65
CA PRO A 249 12.19 -7.52 -27.65
C PRO A 249 12.19 -8.81 -26.85
N LEU A 250 11.12 -9.60 -26.88
CA LEU A 250 11.12 -10.87 -26.19
C LEU A 250 12.12 -11.85 -26.77
N ARG A 251 12.59 -11.61 -28.00
CA ARG A 251 13.58 -12.49 -28.60
C ARG A 251 14.91 -12.43 -27.86
N ALA A 252 15.13 -11.38 -27.07
CA ALA A 252 16.39 -11.24 -26.35
C ALA A 252 16.49 -12.25 -25.21
N ILE A 253 15.36 -12.75 -24.72
CA ILE A 253 15.38 -13.68 -23.59
C ILE A 253 16.23 -14.91 -23.93
N ASN A 254 15.98 -15.51 -25.09
CA ASN A 254 16.68 -16.74 -25.45
C ASN A 254 18.10 -16.49 -25.92
N ARG A 255 18.39 -15.30 -26.46
CA ARG A 255 19.77 -14.99 -26.84
C ARG A 255 20.67 -14.76 -25.64
N VAL A 256 20.13 -14.34 -24.50
CA VAL A 256 20.93 -14.06 -23.31
C VAL A 256 20.83 -15.29 -22.40
N PRO A 257 21.89 -16.09 -22.25
CA PRO A 257 21.76 -17.34 -21.49
C PRO A 257 21.23 -17.15 -20.08
N SER A 258 21.86 -16.29 -19.29
CA SER A 258 21.45 -16.14 -17.89
C SER A 258 19.98 -15.76 -17.77
N MET A 259 19.51 -14.89 -18.67
CA MET A 259 18.10 -14.50 -18.63
C MET A 259 17.21 -15.62 -19.14
N ARG A 260 17.74 -16.49 -19.99
CA ARG A 260 16.96 -17.62 -20.47
C ARG A 260 16.67 -18.61 -19.33
N ILE A 261 17.67 -18.87 -18.49
CA ILE A 261 17.50 -19.82 -17.40
C ILE A 261 16.48 -19.29 -16.39
N LEU A 262 16.58 -18.00 -16.07
CA LEU A 262 15.66 -17.42 -15.08
C LEU A 262 14.21 -17.58 -15.53
N VAL A 263 13.91 -17.22 -16.77
CA VAL A 263 12.54 -17.30 -17.25
C VAL A 263 12.05 -18.74 -17.26
N THR A 264 12.96 -19.70 -17.39
CA THR A 264 12.55 -21.11 -17.34
C THR A 264 12.04 -21.48 -15.94
N LEU A 265 12.71 -20.99 -14.91
CA LEU A 265 12.27 -21.27 -13.54
C LEU A 265 10.90 -20.68 -13.26
N LEU A 266 10.66 -19.47 -13.75
CA LEU A 266 9.36 -18.83 -13.54
C LEU A 266 8.24 -19.66 -14.17
N LEU A 267 8.45 -20.11 -15.41
CA LEU A 267 7.40 -20.87 -16.10
C LEU A 267 7.19 -22.23 -15.45
N ASP A 268 8.24 -22.81 -14.87
CA ASP A 268 8.10 -24.09 -14.19
C ASP A 268 7.43 -23.93 -12.83
N THR A 269 7.44 -22.73 -12.26
CA THR A 269 6.82 -22.50 -10.97
C THR A 269 5.36 -22.07 -11.11
N LEU A 270 4.99 -21.50 -12.25
CA LEU A 270 3.62 -21.03 -12.45
C LEU A 270 2.58 -22.13 -12.32
N PRO A 271 2.74 -23.31 -12.92
CA PRO A 271 1.70 -24.34 -12.80
C PRO A 271 1.20 -24.58 -11.39
N MET A 272 2.09 -24.51 -10.39
CA MET A 272 1.70 -24.86 -9.03
C MET A 272 0.82 -23.80 -8.39
N LEU A 273 0.76 -22.59 -8.96
CA LEU A 273 -0.07 -21.53 -8.38
C LEU A 273 -1.55 -21.72 -8.69
N GLY A 274 -1.98 -22.91 -9.13
CA GLY A 274 -3.39 -23.11 -9.43
C GLY A 274 -4.27 -22.96 -8.20
N ASN A 275 -3.80 -23.43 -7.05
CA ASN A 275 -4.60 -23.33 -5.83
C ASN A 275 -4.75 -21.88 -5.39
N VAL A 276 -3.69 -21.08 -5.58
CA VAL A 276 -3.78 -19.66 -5.27
C VAL A 276 -4.73 -18.97 -6.25
N LEU A 277 -4.68 -19.38 -7.52
CA LEU A 277 -5.59 -18.82 -8.51
C LEU A 277 -7.03 -19.19 -8.21
N LEU A 278 -7.25 -20.45 -7.80
CA LEU A 278 -8.60 -20.87 -7.46
C LEU A 278 -9.15 -20.05 -6.30
N LEU A 279 -8.32 -19.82 -5.27
CA LEU A 279 -8.74 -18.98 -4.16
C LEU A 279 -9.03 -17.55 -4.63
N CYS A 280 -8.30 -17.08 -5.65
CA CYS A 280 -8.54 -15.74 -6.17
C CYS A 280 -9.91 -15.64 -6.84
N PHE A 281 -10.31 -16.68 -7.56
CA PHE A 281 -11.62 -16.66 -8.22
C PHE A 281 -12.73 -16.59 -7.18
N PHE A 282 -12.61 -17.37 -6.10
CA PHE A 282 -13.63 -17.35 -5.06
C PHE A 282 -13.85 -15.94 -4.51
N VAL A 283 -12.75 -15.18 -4.33
CA VAL A 283 -12.86 -13.85 -3.78
C VAL A 283 -13.56 -12.91 -4.75
N PHE A 284 -13.15 -12.96 -6.02
CA PHE A 284 -13.71 -12.03 -7.00
C PHE A 284 -15.16 -12.35 -7.32
N PHE A 285 -15.54 -13.64 -7.29
CA PHE A 285 -16.92 -14.00 -7.60
C PHE A 285 -17.84 -13.71 -6.42
N ILE A 286 -17.46 -14.13 -5.21
CA ILE A 286 -18.31 -13.93 -4.05
C ILE A 286 -18.50 -12.44 -3.79
N PHE A 287 -17.39 -11.69 -3.73
CA PHE A 287 -17.50 -10.25 -3.49
C PHE A 287 -18.02 -9.51 -4.72
N GLY A 288 -17.87 -10.09 -5.91
CA GLY A 288 -18.40 -9.44 -7.09
C GLY A 288 -19.91 -9.50 -7.17
N ILE A 289 -20.48 -10.68 -6.94
CA ILE A 289 -21.93 -10.85 -7.00
C ILE A 289 -22.59 -10.08 -5.87
N VAL A 290 -21.99 -10.11 -4.67
CA VAL A 290 -22.57 -9.40 -3.54
C VAL A 290 -22.59 -7.90 -3.80
N GLY A 291 -21.53 -7.37 -4.39
CA GLY A 291 -21.47 -5.95 -4.66
C GLY A 291 -22.50 -5.50 -5.67
N VAL A 292 -22.77 -6.34 -6.67
CA VAL A 292 -23.73 -5.97 -7.72
C VAL A 292 -25.15 -5.94 -7.15
N GLN A 293 -25.49 -6.96 -6.36
CA GLN A 293 -26.85 -7.02 -5.82
C GLN A 293 -27.10 -5.90 -4.83
N LEU A 294 -26.05 -5.36 -4.20
CA LEU A 294 -26.25 -4.30 -3.22
C LEU A 294 -26.27 -2.92 -3.89
N TRP A 295 -25.27 -2.62 -4.71
CA TRP A 295 -24.99 -1.24 -5.10
C TRP A 295 -25.20 -0.98 -6.59
N ALA A 296 -25.97 -1.81 -7.27
CA ALA A 296 -26.17 -1.62 -8.71
C ALA A 296 -27.01 -0.38 -8.98
N GLY A 297 -26.45 0.56 -9.74
CA GLY A 297 -27.16 1.74 -10.16
C GLY A 297 -27.27 2.85 -9.15
N LEU A 298 -26.70 2.68 -7.95
CA LEU A 298 -26.84 3.72 -6.93
C LEU A 298 -25.91 4.90 -7.20
N LEU A 299 -24.71 4.64 -7.73
CA LEU A 299 -23.77 5.73 -7.98
C LEU A 299 -24.14 6.57 -9.20
N ARG A 300 -25.31 6.32 -9.80
CA ARG A 300 -25.88 7.24 -10.77
C ARG A 300 -26.81 8.26 -10.13
N ASN A 301 -27.04 8.16 -8.82
CA ASN A 301 -27.97 9.06 -8.14
C ASN A 301 -27.45 10.49 -8.16
N ARG A 302 -28.37 11.43 -8.43
CA ARG A 302 -28.11 12.85 -8.31
C ARG A 302 -29.37 13.53 -7.80
N CYS A 303 -29.21 14.71 -7.22
CA CYS A 303 -30.34 15.49 -6.74
C CYS A 303 -30.84 16.37 -7.87
N PHE A 304 -32.05 16.09 -8.36
CA PHE A 304 -32.62 16.82 -9.48
C PHE A 304 -33.63 17.86 -9.02
N LEU A 305 -33.94 18.78 -9.93
CA LEU A 305 -35.09 19.65 -9.74
C LEU A 305 -36.38 18.85 -9.93
N ASP A 306 -37.44 19.34 -9.30
CA ASP A 306 -38.75 18.70 -9.46
C ASP A 306 -39.33 19.05 -10.81
N SER A 307 -39.81 18.04 -11.53
CA SER A 307 -40.34 18.27 -12.87
C SER A 307 -41.53 19.21 -12.85
N ALA A 308 -42.33 19.18 -11.79
CA ALA A 308 -43.43 20.13 -11.66
C ALA A 308 -42.91 21.54 -11.40
N PHE A 309 -41.80 21.64 -10.66
CA PHE A 309 -41.24 22.96 -10.35
C PHE A 309 -40.71 23.63 -11.61
N VAL A 310 -39.99 22.89 -12.45
CA VAL A 310 -39.38 23.49 -13.64
C VAL A 310 -40.43 23.85 -14.67
N ARG A 311 -41.56 23.13 -14.69
CA ARG A 311 -42.59 23.41 -15.68
C ARG A 311 -43.49 24.56 -15.25
N ASN A 312 -43.97 24.53 -14.00
CA ASN A 312 -44.93 25.53 -13.57
C ASN A 312 -44.29 26.92 -13.48
N ASN A 313 -43.02 26.98 -13.07
CA ASN A 313 -42.35 28.27 -12.93
C ASN A 313 -41.83 28.82 -14.25
N ASN A 314 -41.92 28.07 -15.34
CA ASN A 314 -41.56 28.56 -16.67
C ASN A 314 -40.13 29.08 -16.69
N LEU A 315 -39.21 28.31 -16.10
CA LEU A 315 -37.80 28.65 -16.11
C LEU A 315 -36.97 27.39 -16.25
N THR A 316 -36.03 27.41 -17.20
CA THR A 316 -35.16 26.27 -17.46
C THR A 316 -33.70 26.68 -17.54
N PHE A 317 -33.33 27.84 -16.99
CA PHE A 317 -31.93 28.25 -17.01
C PHE A 317 -31.11 27.47 -15.98
N LEU A 318 -31.77 26.78 -15.06
CA LEU A 318 -31.07 26.01 -14.05
C LEU A 318 -30.54 24.71 -14.62
N ARG A 319 -29.37 24.30 -14.16
CA ARG A 319 -28.84 23.00 -14.53
C ARG A 319 -29.72 21.91 -13.93
N PRO A 320 -30.03 20.84 -14.69
CA PRO A 320 -31.08 19.92 -14.23
C PRO A 320 -30.83 19.31 -12.87
N TYR A 321 -29.58 18.98 -12.54
CA TYR A 321 -29.25 18.36 -11.26
C TYR A 321 -28.06 19.07 -10.64
N TYR A 322 -28.01 19.04 -9.31
CA TYR A 322 -26.97 19.76 -8.58
C TYR A 322 -25.60 19.20 -8.94
N GLN A 323 -24.65 20.11 -9.22
CA GLN A 323 -23.28 19.75 -9.50
C GLN A 323 -22.36 20.84 -8.97
N THR A 324 -21.32 20.42 -8.25
CA THR A 324 -20.42 21.38 -7.61
C THR A 324 -19.80 22.30 -8.65
N GLU A 325 -19.25 23.42 -8.17
CA GLU A 325 -18.60 24.37 -9.08
C GLU A 325 -17.46 23.73 -9.84
N GLU A 326 -16.85 22.69 -9.28
CA GLU A 326 -15.76 22.00 -9.97
C GLU A 326 -16.30 21.23 -11.17
N GLY A 327 -17.44 20.57 -11.02
CA GLY A 327 -18.07 19.87 -12.12
C GLY A 327 -18.38 18.42 -11.81
N GLU A 328 -18.50 17.61 -12.86
CA GLU A 328 -18.86 16.21 -12.70
C GLU A 328 -17.73 15.36 -12.14
N GLU A 329 -16.53 15.93 -11.98
CA GLU A 329 -15.44 15.18 -11.34
C GLU A 329 -15.62 15.09 -9.84
N ASN A 330 -16.53 15.87 -9.27
CA ASN A 330 -16.88 15.80 -7.85
C ASN A 330 -18.40 15.66 -7.75
N PRO A 331 -18.92 14.48 -8.02
CA PRO A 331 -20.38 14.30 -8.03
C PRO A 331 -20.95 14.23 -6.62
N PHE A 332 -22.12 14.86 -6.44
CA PHE A 332 -22.86 14.82 -5.18
C PHE A 332 -23.84 13.66 -5.26
N ILE A 333 -23.37 12.47 -4.91
CA ILE A 333 -24.20 11.28 -4.93
C ILE A 333 -25.11 11.28 -3.70
N CYS A 334 -26.40 11.07 -3.93
CA CYS A 334 -27.41 11.15 -2.89
C CYS A 334 -28.03 9.78 -2.62
N SER A 335 -28.55 9.63 -1.41
CA SER A 335 -29.21 8.39 -1.01
C SER A 335 -30.68 8.45 -1.41
N SER A 336 -31.15 7.39 -2.07
CA SER A 336 -32.54 7.33 -2.47
C SER A 336 -33.44 7.11 -1.24
N ARG A 337 -34.71 7.48 -1.41
CA ARG A 337 -35.65 7.40 -0.30
C ARG A 337 -35.72 5.99 0.28
N ARG A 338 -35.56 4.97 -0.56
CA ARG A 338 -35.61 3.58 -0.10
C ARG A 338 -34.26 3.05 0.35
N ASP A 339 -33.34 3.93 0.72
CA ASP A 339 -32.07 3.54 1.33
C ASP A 339 -31.75 4.52 2.46
N ASN A 340 -30.72 4.18 3.22
CA ASN A 340 -30.31 4.98 4.38
C ASN A 340 -28.84 5.36 4.28
N GLY A 341 -28.44 5.96 3.17
CA GLY A 341 -27.08 6.40 3.01
C GLY A 341 -26.80 7.67 3.79
N MET A 342 -25.52 8.05 3.81
CA MET A 342 -25.08 9.16 4.65
C MET A 342 -25.34 10.52 4.04
N GLN A 343 -25.66 10.60 2.74
CA GLN A 343 -25.77 11.87 2.04
C GLN A 343 -27.19 12.02 1.50
N LYS A 344 -27.85 13.10 1.91
CA LYS A 344 -29.21 13.41 1.49
C LYS A 344 -29.19 14.73 0.73
N CYS A 345 -30.23 14.96 -0.08
CA CYS A 345 -30.32 16.21 -0.81
C CYS A 345 -30.56 17.40 0.10
N SER A 346 -30.91 17.18 1.37
CA SER A 346 -31.01 18.27 2.31
C SER A 346 -29.65 18.75 2.81
N HIS A 347 -28.57 18.03 2.48
CA HIS A 347 -27.22 18.42 2.87
C HIS A 347 -26.53 19.27 1.81
N ILE A 348 -27.24 19.65 0.75
CA ILE A 348 -26.61 20.49 -0.27
C ILE A 348 -26.37 21.89 0.30
N PRO A 349 -25.18 22.45 0.19
CA PRO A 349 -24.96 23.81 0.73
C PRO A 349 -25.85 24.82 0.05
N GLY A 350 -26.13 25.90 0.76
CA GLY A 350 -26.88 27.00 0.18
C GLY A 350 -26.01 27.84 -0.74
N ARG A 351 -26.68 28.70 -1.52
CA ARG A 351 -25.97 29.58 -2.43
C ARG A 351 -24.98 30.45 -1.68
N ARG A 352 -23.89 30.79 -2.35
CA ARG A 352 -22.82 31.59 -1.75
C ARG A 352 -22.37 32.69 -2.70
N ILE A 381 -32.40 33.25 -5.96
CA ILE A 381 -31.04 33.36 -5.46
C ILE A 381 -30.79 32.30 -4.39
N ASN A 382 -31.66 31.28 -4.36
CA ASN A 382 -31.57 30.18 -3.41
C ASN A 382 -31.75 28.84 -4.11
N TRP A 383 -31.30 28.74 -5.36
CA TRP A 383 -31.63 27.58 -6.19
C TRP A 383 -31.20 26.27 -5.57
N ASN A 384 -30.10 26.25 -4.81
CA ASN A 384 -29.57 24.99 -4.33
C ASN A 384 -30.57 24.23 -3.47
N GLN A 385 -31.53 24.94 -2.86
CA GLN A 385 -32.50 24.28 -1.99
C GLN A 385 -33.70 23.74 -2.75
N TYR A 386 -33.75 23.90 -4.06
CA TYR A 386 -34.83 23.36 -4.87
C TYR A 386 -34.43 22.09 -5.61
N TYR A 387 -33.19 21.64 -5.45
CA TYR A 387 -32.78 20.33 -5.91
C TYR A 387 -33.19 19.29 -4.87
N ASN A 388 -34.47 18.96 -4.79
CA ASN A 388 -35.01 18.22 -3.67
C ASN A 388 -35.64 16.88 -4.05
N VAL A 389 -35.13 16.21 -5.09
CA VAL A 389 -35.52 14.85 -5.41
C VAL A 389 -34.30 14.09 -5.89
N CYS A 390 -34.07 12.91 -5.32
CA CYS A 390 -32.90 12.09 -5.62
C CYS A 390 -33.32 10.96 -6.55
N ARG A 391 -32.65 10.85 -7.70
CA ARG A 391 -33.01 9.86 -8.70
C ARG A 391 -31.80 9.63 -9.60
N SER A 392 -31.91 8.61 -10.46
CA SER A 392 -30.78 8.18 -11.26
C SER A 392 -30.50 9.16 -12.39
N GLY A 393 -29.21 9.44 -12.61
CA GLY A 393 -28.78 10.20 -13.76
C GLY A 393 -28.26 9.30 -14.87
N ASP A 394 -27.36 9.87 -15.68
CA ASP A 394 -26.88 9.16 -16.86
C ASP A 394 -25.56 8.44 -16.62
N SER A 395 -24.73 8.92 -15.69
CA SER A 395 -23.33 8.48 -15.61
C SER A 395 -22.94 8.19 -14.18
N ASN A 396 -21.99 7.27 -14.03
CA ASN A 396 -21.39 6.94 -12.75
C ASN A 396 -20.12 7.77 -12.55
N PRO A 397 -19.51 7.71 -11.37
CA PRO A 397 -18.32 8.52 -11.12
C PRO A 397 -17.17 8.18 -12.06
N HIS A 398 -16.20 9.07 -12.11
CA HIS A 398 -15.00 8.91 -12.92
C HIS A 398 -15.33 8.48 -14.35
N ASN A 399 -16.19 9.26 -15.00
CA ASN A 399 -16.57 9.01 -16.39
C ASN A 399 -17.06 7.58 -16.59
N GLY A 400 -17.78 7.06 -15.59
CA GLY A 400 -18.34 5.72 -15.67
C GLY A 400 -17.39 4.61 -15.33
N ALA A 401 -16.20 4.91 -14.81
CA ALA A 401 -15.22 3.87 -14.54
C ALA A 401 -15.59 3.08 -13.28
N ILE A 402 -16.05 3.78 -12.24
CA ILE A 402 -16.31 3.19 -10.94
C ILE A 402 -17.81 3.03 -10.78
N ASN A 403 -18.28 1.79 -10.72
CA ASN A 403 -19.68 1.48 -10.53
C ASN A 403 -19.81 -0.02 -10.28
N PHE A 404 -21.01 -0.43 -9.89
CA PHE A 404 -21.35 -1.84 -9.68
C PHE A 404 -22.58 -2.22 -10.49
N ASP A 405 -22.65 -1.74 -11.73
CA ASP A 405 -23.81 -2.05 -12.58
C ASP A 405 -23.75 -3.45 -13.17
N ASN A 406 -22.57 -4.06 -13.25
CA ASN A 406 -22.46 -5.42 -13.76
C ASN A 406 -21.22 -6.07 -13.15
N ILE A 407 -21.10 -7.38 -13.36
CA ILE A 407 -19.97 -8.13 -12.81
C ILE A 407 -18.66 -7.57 -13.34
N GLY A 408 -18.65 -7.10 -14.59
CA GLY A 408 -17.42 -6.57 -15.15
C GLY A 408 -16.92 -5.36 -14.40
N TYR A 409 -17.80 -4.39 -14.17
CA TYR A 409 -17.39 -3.17 -13.46
C TYR A 409 -17.16 -3.44 -11.98
N ALA A 410 -17.79 -4.48 -11.43
CA ALA A 410 -17.56 -4.82 -10.04
C ALA A 410 -16.16 -5.35 -9.82
N TRP A 411 -15.65 -6.14 -10.77
CA TRP A 411 -14.30 -6.67 -10.64
C TRP A 411 -13.25 -5.58 -10.74
N ILE A 412 -13.49 -4.57 -11.59
CA ILE A 412 -12.54 -3.46 -11.68
C ILE A 412 -12.48 -2.71 -10.36
N ALA A 413 -13.62 -2.56 -9.69
CA ALA A 413 -13.64 -1.89 -8.39
C ALA A 413 -12.98 -2.75 -7.33
N ILE A 414 -13.20 -4.06 -7.38
CA ILE A 414 -12.61 -4.96 -6.40
C ILE A 414 -11.10 -5.05 -6.60
N PHE A 415 -10.66 -5.09 -7.86
CA PHE A 415 -9.23 -5.15 -8.13
C PHE A 415 -8.52 -3.93 -7.56
N GLN A 416 -9.14 -2.76 -7.66
CA GLN A 416 -8.52 -1.54 -7.13
C GLN A 416 -8.44 -1.60 -5.61
N VAL A 417 -9.44 -2.18 -4.96
CA VAL A 417 -9.42 -2.31 -3.51
C VAL A 417 -8.29 -3.26 -3.09
N ILE A 418 -8.10 -4.33 -3.86
CA ILE A 418 -7.11 -5.34 -3.50
C ILE A 418 -5.70 -4.78 -3.63
N THR A 419 -5.51 -3.74 -4.44
CA THR A 419 -4.22 -3.06 -4.52
C THR A 419 -4.08 -1.98 -3.46
N LEU A 420 -5.13 -1.72 -2.68
CA LEU A 420 -5.10 -0.71 -1.61
C LEU A 420 -4.71 0.67 -2.14
N GLU A 421 -5.18 1.01 -3.34
CA GLU A 421 -4.98 2.35 -3.91
C GLU A 421 -6.35 2.95 -4.18
N GLY A 422 -6.64 4.09 -3.55
CA GLY A 422 -7.94 4.70 -3.71
C GLY A 422 -9.08 3.80 -3.33
N TRP A 423 -8.88 2.95 -2.32
CA TRP A 423 -9.94 2.02 -1.91
C TRP A 423 -10.93 2.68 -0.95
N VAL A 424 -10.57 3.83 -0.38
CA VAL A 424 -11.49 4.52 0.51
C VAL A 424 -12.46 5.37 -0.29
N ASP A 425 -12.02 5.92 -1.42
CA ASP A 425 -12.92 6.70 -2.27
C ASP A 425 -14.06 5.85 -2.79
N ILE A 426 -13.79 4.59 -3.11
CA ILE A 426 -14.86 3.67 -3.51
C ILE A 426 -15.80 3.43 -2.35
N MET A 427 -15.25 3.32 -1.14
CA MET A 427 -16.08 3.06 0.04
C MET A 427 -16.96 4.25 0.38
N TYR A 428 -16.44 5.47 0.20
CA TYR A 428 -17.22 6.65 0.51
C TYR A 428 -18.42 6.80 -0.42
N TYR A 429 -18.27 6.45 -1.70
CA TYR A 429 -19.40 6.52 -2.61
C TYR A 429 -20.56 5.67 -2.12
N VAL A 430 -20.29 4.42 -1.75
CA VAL A 430 -21.38 3.53 -1.36
C VAL A 430 -21.87 3.82 0.05
N MET A 431 -21.10 4.52 0.87
CA MET A 431 -21.62 5.02 2.13
C MET A 431 -22.59 6.17 1.92
N ASP A 432 -22.27 7.04 0.96
CA ASP A 432 -23.16 8.16 0.65
C ASP A 432 -24.48 7.66 0.07
N ALA A 433 -24.41 6.62 -0.76
CA ALA A 433 -25.56 6.21 -1.56
C ALA A 433 -26.42 5.14 -0.89
N HIS A 434 -25.81 4.24 -0.11
CA HIS A 434 -26.52 3.06 0.38
C HIS A 434 -26.57 3.00 1.90
N SER A 435 -25.45 2.86 2.58
CA SER A 435 -25.49 2.70 4.03
C SER A 435 -24.09 2.90 4.60
N PHE A 436 -24.05 3.40 5.84
CA PHE A 436 -22.79 3.59 6.54
C PHE A 436 -22.07 2.27 6.78
N TYR A 437 -22.83 1.21 7.09
CA TYR A 437 -22.25 -0.06 7.48
C TYR A 437 -21.67 -0.84 6.31
N ASN A 438 -21.34 -0.16 5.21
CA ASN A 438 -20.65 -0.83 4.11
C ASN A 438 -19.18 -0.99 4.38
N PHE A 439 -18.66 -0.38 5.45
CA PHE A 439 -17.25 -0.55 5.78
C PHE A 439 -16.94 -1.99 6.14
N ILE A 440 -17.96 -2.78 6.47
CA ILE A 440 -17.76 -4.19 6.77
C ILE A 440 -17.32 -4.93 5.51
N TYR A 441 -17.93 -4.58 4.38
CA TYR A 441 -17.59 -5.22 3.11
C TYR A 441 -16.13 -4.99 2.75
N PHE A 442 -15.63 -3.77 2.96
CA PHE A 442 -14.29 -3.43 2.51
C PHE A 442 -13.23 -3.88 3.50
N ILE A 443 -13.60 -4.05 4.78
CA ILE A 443 -12.65 -4.57 5.75
C ILE A 443 -12.47 -6.07 5.56
N LEU A 444 -13.56 -6.78 5.25
CA LEU A 444 -13.46 -8.21 4.97
C LEU A 444 -12.74 -8.45 3.65
N LEU A 445 -13.03 -7.63 2.64
CA LEU A 445 -12.37 -7.78 1.35
C LEU A 445 -10.87 -7.50 1.45
N ILE A 446 -10.48 -6.60 2.35
CA ILE A 446 -9.08 -6.23 2.48
C ILE A 446 -8.34 -7.28 3.30
N ILE A 447 -8.97 -7.78 4.37
CA ILE A 447 -8.34 -8.79 5.20
C ILE A 447 -8.19 -10.10 4.41
N VAL A 448 -9.28 -10.56 3.82
CA VAL A 448 -9.26 -11.83 3.09
C VAL A 448 -8.52 -11.67 1.77
N GLY A 449 -8.96 -10.73 0.94
CA GLY A 449 -8.42 -10.59 -0.40
C GLY A 449 -7.04 -9.97 -0.48
N SER A 450 -6.84 -8.82 0.15
CA SER A 450 -5.58 -8.10 -0.01
C SER A 450 -4.46 -8.74 0.81
N PHE A 451 -4.71 -8.99 2.09
CA PHE A 451 -3.64 -9.45 2.97
C PHE A 451 -3.35 -10.94 2.79
N PHE A 452 -4.34 -11.79 3.02
CA PHE A 452 -4.09 -13.22 3.02
C PHE A 452 -3.93 -13.79 1.63
N MET A 453 -4.77 -13.35 0.68
CA MET A 453 -4.75 -13.98 -0.64
C MET A 453 -3.56 -13.53 -1.47
N ILE A 454 -3.02 -12.35 -1.18
CA ILE A 454 -1.81 -11.91 -1.87
C ILE A 454 -0.57 -12.51 -1.21
N ASN A 455 -0.53 -12.52 0.12
CA ASN A 455 0.65 -13.02 0.82
C ASN A 455 0.70 -14.54 0.86
N LEU A 456 -0.40 -15.22 0.50
CA LEU A 456 -0.30 -16.66 0.26
C LEU A 456 0.39 -16.94 -1.06
N CYS A 457 0.38 -15.99 -1.99
CA CYS A 457 1.13 -16.14 -3.23
C CYS A 457 2.62 -16.17 -2.96
N LEU A 458 3.09 -15.29 -2.08
CA LEU A 458 4.50 -15.29 -1.69
C LEU A 458 4.87 -16.60 -1.00
N VAL A 459 4.02 -17.06 -0.08
CA VAL A 459 4.34 -18.24 0.70
C VAL A 459 4.46 -19.47 -0.20
N VAL A 460 3.55 -19.59 -1.18
CA VAL A 460 3.55 -20.76 -2.04
C VAL A 460 4.81 -20.80 -2.90
N ILE A 461 5.20 -19.65 -3.44
CA ILE A 461 6.43 -19.59 -4.24
C ILE A 461 7.64 -19.79 -3.36
N ALA A 462 7.60 -19.28 -2.13
CA ALA A 462 8.73 -19.43 -1.22
C ALA A 462 9.02 -20.89 -0.93
N THR A 463 7.98 -21.69 -0.73
CA THR A 463 8.19 -23.12 -0.48
C THR A 463 8.65 -23.83 -1.75
N GLN A 464 7.92 -23.65 -2.85
CA GLN A 464 8.24 -24.34 -4.08
C GLN A 464 9.68 -24.04 -4.52
N PHE A 465 10.06 -22.76 -4.52
CA PHE A 465 11.40 -22.41 -4.94
C PHE A 465 12.45 -23.08 -4.06
N SER A 466 12.10 -23.42 -2.82
CA SER A 466 13.02 -24.12 -1.94
C SER A 466 13.10 -25.61 -2.31
N GLU A 467 11.95 -26.21 -2.63
CA GLU A 467 11.97 -27.62 -3.04
C GLU A 467 12.76 -27.80 -4.33
N THR A 468 12.59 -26.89 -5.28
CA THR A 468 13.33 -26.95 -6.53
C THR A 468 14.83 -26.85 -6.26
N ARG A 551 54.11 4.06 14.87
CA ARG A 551 53.78 3.80 16.26
C ARG A 551 52.69 4.76 16.77
N ILE A 552 52.58 5.92 16.13
CA ILE A 552 51.57 6.91 16.51
C ILE A 552 50.31 6.76 15.66
N VAL A 553 50.47 6.54 14.36
CA VAL A 553 49.32 6.44 13.47
C VAL A 553 48.47 5.23 13.83
N ASP A 554 49.12 4.10 14.13
CA ASP A 554 48.38 2.88 14.44
C ASP A 554 47.80 2.87 15.84
N SER A 555 48.08 3.88 16.65
CA SER A 555 47.56 3.92 18.01
C SER A 555 46.03 4.01 17.99
N LYS A 556 45.41 3.39 18.99
CA LYS A 556 43.95 3.41 19.08
C LYS A 556 43.42 4.83 19.25
N TYR A 557 44.11 5.63 20.08
CA TYR A 557 43.65 6.99 20.32
C TYR A 557 43.68 7.82 19.04
N PHE A 558 44.72 7.65 18.22
CA PHE A 558 44.77 8.37 16.95
C PHE A 558 43.60 7.98 16.05
N SER A 559 43.30 6.68 15.98
CA SER A 559 42.19 6.22 15.15
C SER A 559 40.87 6.81 15.63
N ARG A 560 40.68 6.88 16.95
CA ARG A 560 39.44 7.42 17.49
C ARG A 560 39.32 8.92 17.18
N GLY A 561 40.45 9.64 17.23
CA GLY A 561 40.40 11.07 16.93
C GLY A 561 39.87 11.35 15.54
N ILE A 562 40.45 10.68 14.53
CA ILE A 562 39.99 10.86 13.16
C ILE A 562 38.54 10.42 13.03
N MET A 563 38.14 9.40 13.79
CA MET A 563 36.78 8.88 13.69
C MET A 563 35.77 9.96 14.06
N MET A 564 35.98 10.63 15.19
CA MET A 564 35.05 11.67 15.62
C MET A 564 35.19 12.93 14.77
N ALA A 565 36.38 13.17 14.23
CA ALA A 565 36.57 14.33 13.36
C ALA A 565 35.69 14.23 12.12
N ILE A 566 35.66 13.05 11.49
CA ILE A 566 34.81 12.86 10.33
C ILE A 566 33.34 12.97 10.71
N LEU A 567 32.97 12.37 11.85
CA LEU A 567 31.57 12.42 12.28
C LEU A 567 31.11 13.86 12.51
N VAL A 568 31.95 14.66 13.17
CA VAL A 568 31.56 16.03 13.47
C VAL A 568 31.40 16.83 12.18
N ASN A 569 32.31 16.63 11.23
CA ASN A 569 32.21 17.31 9.94
C ASN A 569 30.95 16.88 9.20
N THR A 570 30.65 15.58 9.22
CA THR A 570 29.48 15.08 8.53
C THR A 570 28.19 15.67 9.11
N LEU A 571 28.16 15.86 10.42
CA LEU A 571 26.95 16.37 11.06
C LEU A 571 26.82 17.88 10.89
N SER A 572 27.94 18.60 10.81
CA SER A 572 27.87 20.05 10.65
C SER A 572 27.27 20.45 9.31
N MET A 573 27.32 19.57 8.31
CA MET A 573 26.65 19.85 7.04
C MET A 573 25.14 19.87 7.20
N GLY A 574 24.62 19.35 8.30
CA GLY A 574 23.18 19.29 8.50
C GLY A 574 22.56 20.53 9.10
N VAL A 575 23.38 21.51 9.49
CA VAL A 575 22.85 22.73 10.10
C VAL A 575 22.47 23.79 9.07
N GLU A 576 22.54 23.47 7.78
CA GLU A 576 22.10 24.42 6.77
C GLU A 576 20.59 24.53 6.77
N TYR A 577 20.09 25.73 6.48
CA TYR A 577 18.66 25.94 6.31
C TYR A 577 18.44 27.17 5.45
N HIS A 578 17.18 27.39 5.08
CA HIS A 578 16.87 28.31 3.98
C HIS A 578 17.51 29.68 4.21
N GLU A 579 17.07 30.37 5.26
CA GLU A 579 17.50 31.75 5.50
C GLU A 579 18.63 31.79 6.53
N GLN A 580 19.79 31.30 6.12
CA GLN A 580 20.94 31.28 7.02
C GLN A 580 21.44 32.69 7.27
N PRO A 581 21.90 33.00 8.49
CA PRO A 581 22.72 34.20 8.67
C PRO A 581 24.07 34.00 8.00
N GLU A 582 24.55 35.06 7.35
CA GLU A 582 25.78 34.92 6.56
C GLU A 582 26.98 34.60 7.46
N GLU A 583 26.93 34.98 8.74
CA GLU A 583 27.99 34.59 9.66
C GLU A 583 27.97 33.10 9.93
N LEU A 584 26.81 32.46 9.73
CA LEU A 584 26.75 31.00 9.82
C LEU A 584 27.26 30.36 8.54
N THR A 585 27.00 31.02 7.39
CA THR A 585 27.60 30.56 6.14
C THR A 585 29.12 30.59 6.22
N ASN A 586 29.68 31.68 6.74
CA ASN A 586 31.13 31.80 6.83
C ASN A 586 31.69 30.81 7.84
N ALA A 587 30.94 30.52 8.91
CA ALA A 587 31.41 29.57 9.90
C ALA A 587 31.59 28.18 9.29
N LEU A 588 30.63 27.77 8.46
CA LEU A 588 30.72 26.43 7.87
C LEU A 588 31.91 26.31 6.92
N GLU A 589 32.24 27.40 6.23
CA GLU A 589 33.39 27.35 5.32
C GLU A 589 34.70 27.47 6.10
N ILE A 590 34.69 28.11 7.26
CA ILE A 590 35.84 28.06 8.16
C ILE A 590 36.01 26.65 8.70
N SER A 591 34.90 26.03 9.10
CA SER A 591 34.94 24.66 9.59
C SER A 591 35.44 23.71 8.51
N ASN A 592 35.14 24.01 7.25
CA ASN A 592 35.61 23.16 6.16
C ASN A 592 37.13 23.22 6.03
N ILE A 593 37.70 24.41 6.18
CA ILE A 593 39.15 24.56 6.09
C ILE A 593 39.84 23.73 7.17
N VAL A 594 39.31 23.78 8.39
CA VAL A 594 39.95 23.10 9.51
C VAL A 594 39.97 21.59 9.27
N PHE A 595 38.81 21.02 8.96
CA PHE A 595 38.74 19.57 8.77
C PHE A 595 39.48 19.13 7.50
N THR A 596 39.37 19.91 6.42
CA THR A 596 40.11 19.56 5.21
C THR A 596 41.61 19.53 5.48
N SER A 597 42.10 20.52 6.22
CA SER A 597 43.52 20.56 6.57
C SER A 597 43.89 19.37 7.45
N MET A 598 42.99 18.98 8.35
CA MET A 598 43.29 17.87 9.26
C MET A 598 43.46 16.57 8.50
N PHE A 599 42.59 16.32 7.53
CA PHE A 599 42.75 15.12 6.70
C PHE A 599 43.99 15.23 5.82
N ALA A 600 44.32 16.44 5.37
CA ALA A 600 45.54 16.62 4.58
C ALA A 600 46.77 16.28 5.41
N LEU A 601 46.79 16.70 6.67
CA LEU A 601 47.87 16.33 7.57
C LEU A 601 47.91 14.82 7.78
N GLU A 602 46.74 14.20 7.93
CA GLU A 602 46.68 12.76 8.16
C GLU A 602 47.32 12.00 7.01
N MET A 603 47.04 12.42 5.78
CA MET A 603 47.65 11.77 4.62
C MET A 603 49.16 11.96 4.63
N LEU A 604 49.63 13.15 5.00
CA LEU A 604 51.06 13.44 4.98
C LEU A 604 51.80 12.51 5.93
N LEU A 605 51.29 12.34 7.16
CA LEU A 605 51.95 11.47 8.12
C LEU A 605 52.00 10.03 7.61
N LYS A 606 50.92 9.58 6.96
CA LYS A 606 50.87 8.19 6.51
C LYS A 606 51.75 7.97 5.28
N LEU A 607 51.91 9.00 4.44
CA LEU A 607 52.81 8.87 3.30
C LEU A 607 54.26 8.76 3.76
N LEU A 608 54.64 9.53 4.78
CA LEU A 608 56.00 9.46 5.30
C LEU A 608 56.24 8.15 6.04
N ALA A 609 55.18 7.55 6.59
CA ALA A 609 55.35 6.35 7.41
C ALA A 609 55.54 5.11 6.54
N CYS A 610 54.96 5.10 5.35
CA CYS A 610 54.94 3.91 4.50
C CYS A 610 55.46 4.14 3.10
N GLY A 611 55.62 5.38 2.66
CA GLY A 611 55.98 5.66 1.29
C GLY A 611 54.78 5.53 0.38
N PRO A 612 54.85 6.13 -0.81
CA PRO A 612 53.66 6.13 -1.68
C PRO A 612 53.20 4.74 -2.07
N LEU A 613 54.10 3.86 -2.48
CA LEU A 613 53.69 2.51 -2.86
C LEU A 613 53.10 1.77 -1.66
N GLY A 614 53.67 1.94 -0.48
CA GLY A 614 53.09 1.35 0.71
C GLY A 614 51.72 1.91 1.03
N TYR A 615 51.54 3.22 0.81
CA TYR A 615 50.24 3.84 1.03
C TYR A 615 49.21 3.32 0.03
N ILE A 616 49.63 3.11 -1.22
CA ILE A 616 48.73 2.57 -2.24
C ILE A 616 48.40 1.10 -1.97
N ARG A 617 49.19 0.43 -1.14
CA ARG A 617 48.93 -0.98 -0.84
C ARG A 617 47.60 -1.18 -0.10
N ASN A 618 46.98 -0.11 0.38
CA ASN A 618 45.71 -0.22 1.09
C ASN A 618 44.63 0.51 0.31
N PRO A 619 43.50 -0.14 0.00
CA PRO A 619 42.48 0.54 -0.82
C PRO A 619 41.83 1.70 -0.11
N TYR A 620 41.55 1.57 1.19
CA TYR A 620 40.94 2.68 1.92
C TYR A 620 41.86 3.90 1.97
N ASN A 621 43.17 3.68 1.89
CA ASN A 621 44.10 4.80 1.81
C ASN A 621 44.00 5.50 0.45
N ILE A 622 43.80 4.72 -0.61
CA ILE A 622 43.59 5.31 -1.93
C ILE A 622 42.30 6.13 -1.93
N PHE A 623 41.24 5.58 -1.33
CA PHE A 623 39.96 6.29 -1.29
C PHE A 623 40.08 7.61 -0.55
N ASP A 624 40.68 7.57 0.64
CA ASP A 624 40.87 8.80 1.41
C ASP A 624 41.71 9.80 0.63
N GLY A 625 42.66 9.31 -0.16
CA GLY A 625 43.51 10.21 -0.92
C GLY A 625 42.72 11.03 -1.94
N ILE A 626 41.82 10.36 -2.66
CA ILE A 626 41.06 11.07 -3.69
C ILE A 626 40.18 12.15 -3.08
N ILE A 627 39.65 11.90 -1.89
CA ILE A 627 38.77 12.89 -1.25
C ILE A 627 39.56 14.12 -0.83
N VAL A 628 40.76 13.91 -0.30
CA VAL A 628 41.55 15.04 0.20
C VAL A 628 41.90 15.98 -0.95
N VAL A 629 42.32 15.41 -2.09
CA VAL A 629 42.71 16.25 -3.22
C VAL A 629 41.50 16.97 -3.79
N ILE A 630 40.34 16.31 -3.80
CA ILE A 630 39.11 16.97 -4.25
C ILE A 630 38.71 18.06 -3.28
N SER A 631 38.94 17.85 -1.98
CA SER A 631 38.65 18.89 -1.00
C SER A 631 39.60 20.07 -1.18
N VAL A 632 40.89 19.79 -1.38
CA VAL A 632 41.86 20.85 -1.64
C VAL A 632 41.58 21.51 -2.98
N TRP A 633 41.11 20.73 -3.95
CA TRP A 633 40.80 21.28 -5.26
C TRP A 633 39.67 22.31 -5.18
N GLU A 634 38.70 22.07 -4.30
CA GLU A 634 37.62 23.03 -4.13
C GLU A 634 38.13 24.34 -3.53
N ILE A 635 38.94 24.26 -2.48
CA ILE A 635 39.40 25.46 -1.80
C ILE A 635 40.26 26.31 -2.74
N VAL A 636 41.20 25.68 -3.43
CA VAL A 636 42.08 26.42 -4.32
C VAL A 636 41.29 27.03 -5.48
N GLY A 637 40.30 26.29 -5.97
CA GLY A 637 39.50 26.74 -7.09
C GLY A 637 38.41 27.74 -6.77
N GLN A 638 38.33 28.19 -5.52
CA GLN A 638 37.31 29.15 -5.13
C GLN A 638 37.44 30.44 -5.93
N SER A 644 29.80 24.96 -6.70
CA SER A 644 28.62 24.24 -6.25
C SER A 644 28.66 22.78 -6.68
N VAL A 645 29.61 22.45 -7.55
CA VAL A 645 29.76 21.07 -8.01
C VAL A 645 30.45 20.23 -6.94
N LEU A 646 31.68 20.62 -6.58
CA LEU A 646 32.45 19.83 -5.62
C LEU A 646 31.88 19.90 -4.22
N ARG A 647 31.00 20.86 -3.93
CA ARG A 647 30.36 20.92 -2.62
C ARG A 647 29.53 19.66 -2.37
N THR A 648 28.84 19.16 -3.40
CA THR A 648 28.04 17.96 -3.22
C THR A 648 28.92 16.76 -2.86
N PHE A 649 30.12 16.70 -3.42
CA PHE A 649 31.00 15.56 -3.19
C PHE A 649 31.56 15.53 -1.78
N ARG A 650 31.34 16.58 -0.98
CA ARG A 650 31.80 16.54 0.40
C ARG A 650 30.98 15.55 1.23
N LEU A 651 29.85 15.09 0.70
CA LEU A 651 29.06 14.05 1.37
C LEU A 651 29.75 12.69 1.33
N LEU A 652 30.71 12.50 0.42
CA LEU A 652 31.42 11.22 0.37
C LEU A 652 32.32 11.00 1.57
N ARG A 653 32.57 12.04 2.38
CA ARG A 653 33.45 11.87 3.52
C ARG A 653 32.86 10.90 4.54
N VAL A 654 31.54 10.71 4.55
CA VAL A 654 30.93 9.81 5.51
C VAL A 654 31.35 8.37 5.24
N LEU A 655 31.78 8.07 4.01
CA LEU A 655 32.14 6.70 3.68
C LEU A 655 33.44 6.26 4.34
N LYS A 656 34.24 7.19 4.88
CA LYS A 656 35.47 6.78 5.56
C LYS A 656 35.18 5.99 6.82
N LEU A 657 33.95 6.07 7.35
CA LEU A 657 33.65 5.42 8.62
C LEU A 657 33.58 3.91 8.51
N VAL A 658 33.50 3.35 7.29
CA VAL A 658 33.41 1.90 7.18
C VAL A 658 34.73 1.27 7.60
N ARG A 659 35.83 2.00 7.52
CA ARG A 659 37.11 1.49 8.01
C ARG A 659 37.05 1.27 9.52
N PHE A 660 36.47 2.23 10.25
CA PHE A 660 36.42 2.15 11.71
C PHE A 660 35.20 1.40 12.23
N LEU A 661 34.35 0.86 11.36
CA LEU A 661 33.17 0.09 11.76
C LEU A 661 33.21 -1.27 11.08
N PRO A 662 33.92 -2.23 11.67
CA PRO A 662 33.98 -3.57 11.05
C PRO A 662 32.64 -4.28 11.04
N ALA A 663 31.80 -4.04 12.05
CA ALA A 663 30.48 -4.67 12.08
C ALA A 663 29.63 -4.20 10.91
N LEU A 664 29.61 -2.90 10.65
CA LEU A 664 28.90 -2.39 9.48
C LEU A 664 29.60 -2.81 8.19
N ARG A 665 30.93 -2.86 8.21
CA ARG A 665 31.67 -3.28 7.01
C ARG A 665 31.29 -4.70 6.61
N ARG A 666 31.11 -5.59 7.58
CA ARG A 666 30.73 -6.96 7.26
C ARG A 666 29.31 -7.05 6.73
N GLN A 667 28.46 -6.07 7.06
CA GLN A 667 27.10 -6.06 6.51
C GLN A 667 27.10 -5.57 5.08
N LEU A 668 27.92 -4.57 4.76
CA LEU A 668 27.90 -4.00 3.43
C LEU A 668 28.30 -5.03 2.37
N VAL A 669 29.31 -5.85 2.69
CA VAL A 669 29.74 -6.86 1.73
C VAL A 669 28.67 -7.93 1.56
N VAL A 670 27.91 -8.20 2.63
CA VAL A 670 26.83 -9.17 2.54
C VAL A 670 25.74 -8.65 1.60
N LEU A 671 25.39 -7.37 1.72
CA LEU A 671 24.42 -6.77 0.81
C LEU A 671 24.94 -6.79 -0.62
N VAL A 672 26.24 -6.52 -0.80
CA VAL A 672 26.82 -6.56 -2.14
C VAL A 672 26.73 -7.95 -2.73
N LYS A 673 26.84 -8.98 -1.89
CA LYS A 673 26.72 -10.34 -2.39
C LYS A 673 25.29 -10.68 -2.78
N THR A 674 24.32 -9.89 -2.28
CA THR A 674 22.95 -10.06 -2.72
C THR A 674 22.73 -9.51 -4.11
N MET A 675 23.54 -8.53 -4.53
CA MET A 675 23.28 -7.81 -5.77
C MET A 675 23.78 -8.54 -7.01
N ASP A 676 24.48 -9.66 -6.86
CA ASP A 676 24.93 -10.42 -8.02
C ASP A 676 23.84 -11.29 -8.60
N ASN A 677 22.79 -11.59 -7.82
CA ASN A 677 21.60 -12.25 -8.34
C ASN A 677 20.45 -11.28 -8.54
N VAL A 678 20.47 -10.13 -7.88
CA VAL A 678 19.51 -9.07 -8.17
C VAL A 678 19.69 -8.58 -9.60
N ALA A 679 20.93 -8.59 -10.10
CA ALA A 679 21.21 -8.11 -11.44
C ALA A 679 20.44 -8.90 -12.49
N THR A 680 20.37 -10.21 -12.32
CA THR A 680 19.65 -11.04 -13.29
C THR A 680 18.18 -10.65 -13.34
N PHE A 681 17.55 -10.46 -12.17
CA PHE A 681 16.16 -10.06 -12.14
C PHE A 681 15.96 -8.65 -12.67
N CYS A 682 16.92 -7.75 -12.44
CA CYS A 682 16.78 -6.39 -12.92
C CYS A 682 16.73 -6.34 -14.44
N THR A 683 17.57 -7.13 -15.10
CA THR A 683 17.55 -7.19 -16.56
C THR A 683 16.19 -7.64 -17.07
N LEU A 684 15.60 -8.64 -16.40
CA LEU A 684 14.29 -9.12 -16.82
C LEU A 684 13.20 -8.09 -16.55
N LEU A 685 13.37 -7.29 -15.49
CA LEU A 685 12.39 -6.25 -15.19
C LEU A 685 12.51 -5.08 -16.16
N MET A 686 13.75 -4.70 -16.51
CA MET A 686 13.95 -3.63 -17.46
C MET A 686 13.36 -3.98 -18.82
N LEU A 687 13.55 -5.23 -19.24
CA LEU A 687 12.89 -5.70 -20.46
C LEU A 687 11.39 -5.75 -20.28
N PHE A 688 10.94 -6.12 -19.08
CA PHE A 688 9.50 -6.14 -18.78
C PHE A 688 8.92 -4.73 -18.84
N ILE A 689 9.64 -3.75 -18.30
CA ILE A 689 9.13 -2.37 -18.30
C ILE A 689 9.15 -1.80 -19.70
N PHE A 690 10.21 -2.10 -20.46
CA PHE A 690 10.34 -1.53 -21.80
C PHE A 690 9.20 -1.98 -22.71
N ILE A 691 8.82 -3.26 -22.62
CA ILE A 691 7.78 -3.78 -23.49
C ILE A 691 6.45 -3.10 -23.19
N PHE A 692 6.14 -2.91 -21.91
CA PHE A 692 4.88 -2.23 -21.56
C PHE A 692 4.96 -0.73 -21.86
N SER A 693 6.16 -0.14 -21.77
CA SER A 693 6.30 1.27 -22.06
C SER A 693 5.99 1.56 -23.52
N ILE A 694 6.45 0.68 -24.42
CA ILE A 694 6.16 0.85 -25.84
C ILE A 694 4.70 0.51 -26.13
N LEU A 695 4.17 -0.53 -25.46
CA LEU A 695 2.78 -0.88 -25.65
C LEU A 695 1.86 0.27 -25.24
N GLY A 696 2.13 0.87 -24.08
CA GLY A 696 1.32 2.00 -23.64
C GLY A 696 1.33 3.14 -24.63
N MET A 697 2.49 3.42 -25.23
CA MET A 697 2.58 4.48 -26.21
C MET A 697 1.69 4.19 -27.41
N HIS A 698 1.57 2.92 -27.80
CA HIS A 698 0.73 2.55 -28.93
C HIS A 698 -0.74 2.60 -28.56
N LEU A 699 -1.09 2.18 -27.33
CA LEU A 699 -2.48 2.19 -26.91
C LEU A 699 -2.94 3.60 -26.56
N PHE A 700 -2.16 4.32 -25.76
CA PHE A 700 -2.60 5.55 -25.12
C PHE A 700 -1.85 6.79 -25.58
N GLY A 701 -0.87 6.65 -26.46
CA GLY A 701 -0.04 7.76 -26.85
C GLY A 701 -0.80 8.94 -27.42
N CYS A 702 -0.57 10.13 -26.87
CA CYS A 702 -1.17 11.40 -27.37
C CYS A 702 -2.70 11.37 -27.25
N LYS A 703 -3.26 10.60 -26.32
CA LYS A 703 -4.71 10.58 -26.12
C LYS A 703 -5.14 11.09 -24.75
N PHE A 704 -4.23 11.16 -23.78
CA PHE A 704 -4.54 11.76 -22.48
C PHE A 704 -4.40 13.28 -22.52
N SER A 705 -5.10 13.91 -23.47
CA SER A 705 -5.06 15.36 -23.61
C SER A 705 -5.95 16.03 -22.57
N PRO A 715 -2.21 18.73 -21.50
CA PRO A 715 -2.05 17.29 -21.31
C PRO A 715 -1.74 16.91 -19.86
N ASP A 716 -2.05 15.67 -19.49
CA ASP A 716 -1.77 15.21 -18.15
C ASP A 716 -0.30 14.82 -18.01
N ARG A 717 0.24 15.04 -16.81
CA ARG A 717 1.61 14.62 -16.53
C ARG A 717 1.76 13.11 -16.68
N LYS A 718 0.74 12.37 -16.26
CA LYS A 718 0.77 10.90 -16.28
C LYS A 718 0.32 10.45 -17.67
N ASN A 719 1.27 10.45 -18.61
CA ASN A 719 0.95 10.25 -20.02
C ASN A 719 2.00 9.37 -20.68
N PHE A 720 1.65 8.86 -21.87
CA PHE A 720 2.54 8.04 -22.69
C PHE A 720 2.88 8.73 -24.00
N ASP A 721 3.08 10.05 -23.98
CA ASP A 721 3.39 10.78 -25.20
C ASP A 721 4.84 10.64 -25.64
N SER A 722 5.70 10.08 -24.80
CA SER A 722 7.10 9.90 -25.16
C SER A 722 7.69 8.80 -24.30
N LEU A 723 8.86 8.32 -24.72
CA LEU A 723 9.48 7.18 -24.04
C LEU A 723 9.85 7.51 -22.60
N LEU A 724 10.36 8.72 -22.37
CA LEU A 724 10.80 9.09 -21.03
C LEU A 724 9.64 9.04 -20.04
N TRP A 725 8.55 9.72 -20.37
CA TRP A 725 7.38 9.73 -19.49
C TRP A 725 6.50 8.50 -19.66
N ALA A 726 6.79 7.65 -20.65
CA ALA A 726 6.13 6.35 -20.72
C ALA A 726 6.76 5.38 -19.74
N ILE A 727 8.09 5.43 -19.60
CA ILE A 727 8.78 4.55 -18.66
C ILE A 727 8.48 4.99 -17.23
N VAL A 728 8.45 6.30 -16.99
CA VAL A 728 8.18 6.81 -15.65
C VAL A 728 6.75 6.44 -15.23
N THR A 729 5.81 6.54 -16.17
CA THR A 729 4.43 6.17 -15.85
C THR A 729 4.33 4.68 -15.55
N VAL A 730 5.01 3.85 -16.34
CA VAL A 730 4.98 2.41 -16.10
C VAL A 730 5.65 2.09 -14.78
N PHE A 731 6.81 2.70 -14.52
CA PHE A 731 7.46 2.52 -13.24
C PHE A 731 6.55 2.94 -12.09
N GLN A 732 5.84 4.05 -12.27
CA GLN A 732 4.96 4.55 -11.22
C GLN A 732 3.85 3.54 -10.92
N ILE A 733 3.29 2.92 -11.96
CA ILE A 733 2.20 1.97 -11.77
C ILE A 733 2.66 0.78 -10.96
N LEU A 734 3.92 0.36 -11.16
CA LEU A 734 4.44 -0.77 -10.39
C LEU A 734 4.55 -0.42 -8.91
N THR A 735 4.85 0.83 -8.59
CA THR A 735 4.87 1.25 -7.19
C THR A 735 3.46 1.45 -6.66
N GLN A 736 2.45 1.40 -7.52
CA GLN A 736 1.05 1.52 -7.11
C GLN A 736 0.81 2.85 -6.39
N GLU A 737 1.07 3.94 -7.11
CA GLU A 737 0.86 5.29 -6.62
C GLU A 737 0.04 6.03 -7.67
N ASP A 738 -1.21 6.34 -7.35
CA ASP A 738 -2.14 6.99 -8.26
C ASP A 738 -2.32 6.20 -9.55
N TRP A 739 -2.05 4.89 -9.52
CA TRP A 739 -2.29 4.06 -10.70
C TRP A 739 -3.75 4.09 -11.13
N ASN A 740 -4.66 4.33 -10.19
CA ASN A 740 -6.08 4.38 -10.54
C ASN A 740 -6.38 5.61 -11.39
N VAL A 741 -5.60 6.68 -11.22
CA VAL A 741 -5.81 7.88 -12.02
C VAL A 741 -5.44 7.62 -13.48
N VAL A 742 -4.36 6.84 -13.70
CA VAL A 742 -4.00 6.48 -15.06
C VAL A 742 -5.03 5.53 -15.66
N LEU A 743 -5.60 4.66 -14.81
CA LEU A 743 -6.61 3.72 -15.29
C LEU A 743 -7.82 4.45 -15.85
N TYR A 744 -8.33 5.45 -15.11
CA TYR A 744 -9.50 6.18 -15.58
C TYR A 744 -9.21 6.91 -16.88
N ASN A 745 -7.99 7.42 -17.05
CA ASN A 745 -7.61 8.04 -18.32
C ASN A 745 -7.66 7.02 -19.45
N GLY A 746 -7.11 5.83 -19.22
CA GLY A 746 -7.12 4.82 -20.26
C GLY A 746 -8.51 4.38 -20.65
N MET A 747 -9.35 4.09 -19.65
CA MET A 747 -10.71 3.64 -19.94
C MET A 747 -11.50 4.71 -20.67
N ALA A 748 -11.39 5.96 -20.23
CA ALA A 748 -12.20 7.02 -20.82
C ALA A 748 -11.76 7.34 -22.24
N SER A 749 -10.46 7.21 -22.52
CA SER A 749 -9.93 7.64 -23.81
C SER A 749 -10.17 6.58 -24.88
N THR A 750 -9.78 5.34 -24.61
CA THR A 750 -9.95 4.26 -25.58
C THR A 750 -11.21 3.45 -25.27
N SER A 751 -11.12 2.51 -24.34
CA SER A 751 -12.24 1.62 -24.06
C SER A 751 -12.12 1.09 -22.65
N SER A 752 -13.27 0.68 -22.10
CA SER A 752 -13.30 0.13 -20.75
C SER A 752 -12.47 -1.15 -20.65
N TRP A 753 -12.26 -1.84 -21.78
CA TRP A 753 -11.40 -3.02 -21.79
C TRP A 753 -9.92 -2.65 -21.68
N ALA A 754 -9.58 -1.36 -21.63
CA ALA A 754 -8.20 -0.95 -21.40
C ALA A 754 -7.72 -1.30 -20.00
N ALA A 755 -8.60 -1.79 -19.13
CA ALA A 755 -8.20 -2.15 -17.77
C ALA A 755 -7.30 -3.38 -17.76
N LEU A 756 -7.42 -4.24 -18.78
CA LEU A 756 -6.59 -5.44 -18.84
C LEU A 756 -5.11 -5.07 -18.95
N TYR A 757 -4.80 -3.94 -19.59
CA TYR A 757 -3.41 -3.48 -19.64
C TYR A 757 -2.84 -3.31 -18.24
N PHE A 758 -3.58 -2.63 -17.37
CA PHE A 758 -3.09 -2.38 -16.02
C PHE A 758 -3.15 -3.63 -15.16
N VAL A 759 -4.15 -4.48 -15.39
CA VAL A 759 -4.26 -5.71 -14.61
C VAL A 759 -3.07 -6.62 -14.89
N ALA A 760 -2.67 -6.72 -16.16
CA ALA A 760 -1.54 -7.57 -16.51
C ALA A 760 -0.24 -6.96 -16.02
N LEU A 761 -0.12 -5.63 -16.09
CA LEU A 761 1.11 -4.97 -15.66
C LEU A 761 1.34 -5.17 -14.16
N MET A 762 0.31 -4.94 -13.35
CA MET A 762 0.46 -5.09 -11.91
C MET A 762 0.63 -6.56 -11.53
N THR A 763 -0.11 -7.45 -12.19
CA THR A 763 -0.06 -8.86 -11.83
C THR A 763 1.30 -9.46 -12.15
N PHE A 764 1.75 -9.33 -13.41
CA PHE A 764 3.04 -9.88 -13.79
C PHE A 764 4.18 -9.13 -13.09
N GLY A 765 4.03 -7.82 -12.93
CA GLY A 765 5.06 -7.04 -12.26
C GLY A 765 5.31 -7.51 -10.84
N ASN A 766 4.24 -7.71 -10.08
CA ASN A 766 4.39 -8.14 -8.70
C ASN A 766 4.78 -9.61 -8.60
N TYR A 767 4.30 -10.43 -9.54
CA TYR A 767 4.71 -11.83 -9.58
C TYR A 767 6.22 -11.96 -9.76
N VAL A 768 6.80 -11.13 -10.62
CA VAL A 768 8.24 -11.18 -10.85
C VAL A 768 8.99 -10.67 -9.62
N LEU A 769 8.40 -9.71 -8.90
CA LEU A 769 9.08 -9.15 -7.74
C LEU A 769 9.07 -10.12 -6.57
N PHE A 770 8.01 -10.91 -6.42
CA PHE A 770 8.03 -11.97 -5.41
C PHE A 770 9.16 -12.95 -5.64
N ASN A 771 9.43 -13.30 -6.91
CA ASN A 771 10.45 -14.30 -7.19
C ASN A 771 11.84 -13.78 -6.86
N LEU A 772 12.05 -12.46 -6.90
CA LEU A 772 13.31 -11.90 -6.42
C LEU A 772 13.44 -12.09 -4.92
N LEU A 773 12.37 -11.79 -4.18
CA LEU A 773 12.39 -11.98 -2.74
C LEU A 773 12.64 -13.44 -2.37
N VAL A 774 12.03 -14.37 -3.12
CA VAL A 774 12.23 -15.77 -2.84
C VAL A 774 13.64 -16.21 -3.22
N ALA A 775 14.19 -15.62 -4.30
CA ALA A 775 15.54 -15.96 -4.71
C ALA A 775 16.56 -15.59 -3.64
N ILE A 776 16.32 -14.48 -2.95
CA ILE A 776 17.23 -14.06 -1.88
C ILE A 776 17.05 -14.95 -0.66
N LEU A 777 15.81 -15.30 -0.33
CA LEU A 777 15.56 -16.17 0.82
C LEU A 777 16.31 -17.49 0.68
N VAL A 778 16.21 -18.13 -0.48
CA VAL A 778 16.76 -19.47 -0.63
C VAL A 778 18.29 -19.42 -0.59
N GLU A 779 18.90 -18.37 -1.14
CA GLU A 779 20.33 -18.20 -0.98
C GLU A 779 20.68 -17.75 0.43
N GLY A 780 19.68 -17.38 1.22
CA GLY A 780 19.90 -17.10 2.63
C GLY A 780 19.88 -18.38 3.44
N PHE A 781 18.83 -19.20 3.24
CA PHE A 781 18.84 -20.53 3.82
C PHE A 781 20.03 -21.34 3.34
N GLN A 782 20.48 -21.10 2.12
CA GLN A 782 21.54 -21.89 1.52
C GLN A 782 21.17 -23.36 1.50
N ARG A 1045 3.87 -9.49 59.77
CA ARG A 1045 3.00 -10.60 59.37
C ARG A 1045 2.10 -10.18 58.21
N PHE A 1046 1.96 -8.88 58.01
CA PHE A 1046 1.17 -8.38 56.90
C PHE A 1046 1.83 -8.70 55.57
N ARG A 1047 3.16 -8.65 55.52
CA ARG A 1047 3.87 -8.98 54.29
C ARG A 1047 3.58 -10.40 53.83
N VAL A 1048 3.32 -11.31 54.77
CA VAL A 1048 3.00 -12.69 54.39
C VAL A 1048 1.70 -12.73 53.62
N SER A 1049 0.71 -11.95 54.07
CA SER A 1049 -0.59 -11.93 53.40
C SER A 1049 -0.46 -11.40 51.98
N CYS A 1050 0.33 -10.33 51.80
CA CYS A 1050 0.50 -9.77 50.46
C CYS A 1050 1.15 -10.79 49.52
N GLN A 1051 2.16 -11.51 50.00
CA GLN A 1051 2.82 -12.49 49.15
C GLN A 1051 1.85 -13.60 48.73
N LYS A 1052 0.91 -13.95 49.62
CA LYS A 1052 -0.09 -14.95 49.27
C LYS A 1052 -1.05 -14.40 48.21
N VAL A 1053 -1.43 -13.13 48.35
CA VAL A 1053 -2.36 -12.52 47.40
C VAL A 1053 -1.72 -12.45 46.02
N ILE A 1054 -0.46 -12.02 45.96
CA ILE A 1054 0.21 -11.85 44.67
C ILE A 1054 0.47 -13.19 44.00
N THR A 1055 0.56 -14.27 44.78
CA THR A 1055 0.76 -15.61 44.24
C THR A 1055 -0.56 -16.32 43.97
N HIS A 1056 -1.69 -15.68 44.20
CA HIS A 1056 -2.98 -16.27 43.90
C HIS A 1056 -3.12 -16.48 42.40
N LYS A 1057 -3.74 -17.60 42.00
CA LYS A 1057 -3.90 -17.88 40.58
C LYS A 1057 -4.77 -16.86 39.90
N MET A 1058 -5.72 -16.27 40.63
CA MET A 1058 -6.70 -15.34 40.06
C MET A 1058 -6.27 -13.88 40.14
N PHE A 1059 -5.05 -13.58 40.56
CA PHE A 1059 -4.66 -12.18 40.71
C PHE A 1059 -4.57 -11.49 39.36
N ASP A 1060 -3.92 -12.12 38.38
CA ASP A 1060 -3.79 -11.51 37.07
C ASP A 1060 -5.14 -11.34 36.40
N HIS A 1061 -6.01 -12.35 36.52
CA HIS A 1061 -7.33 -12.26 35.90
C HIS A 1061 -8.19 -11.18 36.57
N VAL A 1062 -8.10 -11.06 37.89
CA VAL A 1062 -8.89 -10.05 38.59
C VAL A 1062 -8.45 -8.65 38.16
N VAL A 1063 -7.14 -8.42 38.07
CA VAL A 1063 -6.64 -7.12 37.67
C VAL A 1063 -6.92 -6.87 36.20
N LEU A 1064 -6.92 -7.93 35.38
CA LEU A 1064 -7.17 -7.76 33.96
C LEU A 1064 -8.57 -7.19 33.71
N VAL A 1065 -9.51 -7.48 34.61
CA VAL A 1065 -10.86 -6.96 34.44
C VAL A 1065 -10.87 -5.44 34.60
N PHE A 1066 -10.18 -4.94 35.63
CA PHE A 1066 -10.13 -3.49 35.82
C PHE A 1066 -9.41 -2.81 34.67
N ILE A 1067 -8.35 -3.42 34.14
CA ILE A 1067 -7.68 -2.84 32.98
C ILE A 1067 -8.62 -2.79 31.79
N PHE A 1068 -9.43 -3.84 31.60
CA PHE A 1068 -10.40 -3.83 30.51
C PHE A 1068 -11.44 -2.74 30.71
N LEU A 1069 -11.95 -2.60 31.94
CA LEU A 1069 -12.92 -1.55 32.21
C LEU A 1069 -12.31 -0.17 32.03
N ASN A 1070 -11.04 -0.01 32.41
CA ASN A 1070 -10.38 1.28 32.23
C ASN A 1070 -10.26 1.61 30.74
N CYS A 1071 -10.05 0.61 29.90
CA CYS A 1071 -10.01 0.83 28.47
C CYS A 1071 -11.35 1.37 27.96
N VAL A 1072 -12.45 0.82 28.47
CA VAL A 1072 -13.77 1.29 28.07
C VAL A 1072 -13.96 2.75 28.44
N THR A 1073 -13.41 3.16 29.59
CA THR A 1073 -13.52 4.55 30.00
C THR A 1073 -12.75 5.46 29.06
N ILE A 1074 -11.59 5.02 28.60
CA ILE A 1074 -10.80 5.81 27.67
C ILE A 1074 -11.49 5.93 26.33
N ALA A 1075 -12.18 4.86 25.91
CA ALA A 1075 -12.84 4.87 24.61
C ALA A 1075 -13.99 5.87 24.57
N LEU A 1076 -14.64 6.11 25.72
CA LEU A 1076 -15.78 7.01 25.75
C LEU A 1076 -15.38 8.48 25.71
N GLU A 1077 -14.14 8.80 26.07
CA GLU A 1077 -13.71 10.19 26.04
C GLU A 1077 -13.74 10.73 24.62
N ARG A 1078 -14.30 11.93 24.47
CA ARG A 1078 -14.38 12.58 23.17
C ARG A 1078 -14.57 14.08 23.40
N PRO A 1079 -14.27 14.92 22.41
CA PRO A 1079 -14.30 16.37 22.65
C PRO A 1079 -15.70 16.91 22.90
N ASP A 1080 -16.73 16.24 22.41
CA ASP A 1080 -18.07 16.82 22.43
C ASP A 1080 -18.79 16.63 23.76
N ILE A 1081 -18.16 16.00 24.76
CA ILE A 1081 -18.80 15.86 26.06
C ILE A 1081 -18.87 17.23 26.72
N ASP A 1082 -20.07 17.62 27.14
CA ASP A 1082 -20.24 18.90 27.81
C ASP A 1082 -19.66 18.80 29.22
N PRO A 1083 -18.98 19.85 29.72
CA PRO A 1083 -18.39 19.75 31.06
C PRO A 1083 -19.41 19.48 32.15
N GLY A 1084 -20.63 19.99 32.01
CA GLY A 1084 -21.66 19.82 33.01
C GLY A 1084 -22.55 18.62 32.82
N SER A 1085 -22.32 17.81 31.80
CA SER A 1085 -23.16 16.66 31.55
C SER A 1085 -22.91 15.56 32.58
N THR A 1086 -23.87 14.65 32.70
CA THR A 1086 -23.72 13.52 33.61
C THR A 1086 -22.61 12.60 33.17
N GLU A 1087 -22.32 12.55 31.87
CA GLU A 1087 -21.25 11.68 31.39
C GLU A 1087 -19.90 12.13 31.91
N ARG A 1088 -19.65 13.45 31.92
CA ARG A 1088 -18.41 13.97 32.48
C ARG A 1088 -18.25 13.58 33.94
N VAL A 1089 -19.33 13.65 34.72
CA VAL A 1089 -19.25 13.28 36.12
C VAL A 1089 -18.91 11.79 36.25
N PHE A 1090 -19.51 10.97 35.41
CA PHE A 1090 -19.22 9.54 35.45
C PHE A 1090 -17.78 9.24 35.08
N LEU A 1091 -17.27 9.90 34.04
CA LEU A 1091 -15.90 9.66 33.61
C LEU A 1091 -14.89 10.20 34.63
N SER A 1092 -15.17 11.38 35.18
CA SER A 1092 -14.23 11.99 36.13
C SER A 1092 -14.13 11.15 37.40
N VAL A 1093 -15.27 10.69 37.93
CA VAL A 1093 -15.25 9.90 39.15
C VAL A 1093 -14.58 8.55 38.91
N SER A 1094 -14.79 7.97 37.73
CA SER A 1094 -14.17 6.69 37.43
C SER A 1094 -12.65 6.80 37.44
N ASN A 1095 -12.11 7.97 37.08
CA ASN A 1095 -10.67 8.14 37.05
C ASN A 1095 -10.07 8.03 38.45
N TYR A 1096 -10.74 8.61 39.44
CA TYR A 1096 -10.25 8.51 40.82
C TYR A 1096 -10.30 7.08 41.32
N ILE A 1097 -11.36 6.34 41.00
CA ILE A 1097 -11.48 4.96 41.48
C ILE A 1097 -10.39 4.09 40.86
N PHE A 1098 -10.22 4.17 39.54
CA PHE A 1098 -9.18 3.37 38.89
C PHE A 1098 -7.80 3.75 39.40
N THR A 1099 -7.56 5.05 39.61
CA THR A 1099 -6.26 5.48 40.13
C THR A 1099 -6.00 4.87 41.49
N ALA A 1100 -7.01 4.82 42.35
CA ALA A 1100 -6.85 4.25 43.68
C ALA A 1100 -6.62 2.75 43.60
N ILE A 1101 -7.33 2.07 42.70
CA ILE A 1101 -7.22 0.62 42.60
C ILE A 1101 -5.80 0.22 42.17
N PHE A 1102 -5.26 0.92 41.17
CA PHE A 1102 -3.94 0.57 40.66
C PHE A 1102 -2.83 1.10 41.54
N VAL A 1103 -3.10 2.10 42.38
CA VAL A 1103 -2.15 2.48 43.42
C VAL A 1103 -2.10 1.39 44.49
N ALA A 1104 -3.27 0.87 44.85
CA ALA A 1104 -3.32 -0.21 45.84
C ALA A 1104 -2.65 -1.48 45.30
N GLU A 1105 -2.91 -1.82 44.05
CA GLU A 1105 -2.29 -3.00 43.46
C GLU A 1105 -0.77 -2.89 43.50
N MET A 1106 -0.23 -1.74 43.11
CA MET A 1106 1.21 -1.54 43.15
C MET A 1106 1.73 -1.62 44.58
N MET A 1107 1.08 -0.92 45.51
CA MET A 1107 1.54 -0.92 46.89
C MET A 1107 1.61 -2.34 47.44
N VAL A 1108 0.49 -3.06 47.41
CA VAL A 1108 0.45 -4.41 47.95
C VAL A 1108 1.56 -5.26 47.33
N LYS A 1109 1.83 -5.06 46.04
CA LYS A 1109 2.87 -5.84 45.38
C LYS A 1109 4.26 -5.42 45.84
N VAL A 1110 4.46 -4.11 46.06
CA VAL A 1110 5.76 -3.63 46.52
C VAL A 1110 6.01 -4.09 47.96
N VAL A 1111 4.97 -4.11 48.79
CA VAL A 1111 5.11 -4.62 50.15
C VAL A 1111 5.51 -6.09 50.11
N ALA A 1112 4.91 -6.85 49.19
CA ALA A 1112 5.19 -8.29 49.13
C ALA A 1112 6.62 -8.56 48.68
N LEU A 1113 7.06 -7.88 47.63
CA LEU A 1113 8.35 -8.19 47.01
C LEU A 1113 9.47 -7.28 47.48
N GLY A 1114 9.16 -6.11 48.00
CA GLY A 1114 10.17 -5.10 48.24
C GLY A 1114 10.47 -4.29 46.99
N LEU A 1115 10.93 -3.07 47.20
CA LEU A 1115 11.08 -2.14 46.09
C LEU A 1115 12.25 -2.54 45.19
N LEU A 1116 13.47 -2.50 45.73
CA LEU A 1116 14.63 -2.90 44.95
C LEU A 1116 15.74 -3.50 45.81
N SER A 1117 15.47 -3.85 47.07
CA SER A 1117 16.52 -4.41 47.92
C SER A 1117 16.69 -5.90 47.67
N GLY A 1118 15.59 -6.64 47.52
CA GLY A 1118 15.68 -8.07 47.28
C GLY A 1118 15.92 -8.40 45.82
N GLU A 1119 16.33 -9.65 45.59
CA GLU A 1119 16.59 -10.09 44.22
C GLU A 1119 15.31 -10.36 43.47
N HIS A 1120 14.23 -10.69 44.20
CA HIS A 1120 12.90 -10.77 43.61
C HIS A 1120 12.14 -9.45 43.66
N ALA A 1121 12.83 -8.36 43.98
CA ALA A 1121 12.15 -7.10 44.28
C ALA A 1121 11.35 -6.60 43.08
N TYR A 1122 10.58 -5.55 43.32
CA TYR A 1122 9.62 -5.05 42.35
C TYR A 1122 10.32 -4.59 41.07
N LEU A 1123 11.26 -3.66 41.18
CA LEU A 1123 11.87 -3.03 40.01
C LEU A 1123 12.95 -3.90 39.36
N GLN A 1124 12.97 -5.21 39.62
CA GLN A 1124 13.94 -6.06 38.96
C GLN A 1124 13.50 -6.49 37.57
N SER A 1125 12.33 -6.04 37.10
CA SER A 1125 11.82 -6.40 35.80
C SER A 1125 11.25 -5.15 35.13
N SER A 1126 11.40 -5.08 33.80
CA SER A 1126 10.95 -3.90 33.08
C SER A 1126 9.43 -3.80 33.06
N TRP A 1127 8.73 -4.94 33.11
CA TRP A 1127 7.27 -4.90 33.13
C TRP A 1127 6.75 -4.30 34.43
N ASN A 1128 7.47 -4.50 35.53
CA ASN A 1128 7.09 -3.85 36.79
C ASN A 1128 7.46 -2.38 36.79
N LEU A 1129 8.58 -2.02 36.13
CA LEU A 1129 8.96 -0.61 36.04
C LEU A 1129 7.92 0.19 35.27
N LEU A 1130 7.40 -0.37 34.17
CA LEU A 1130 6.39 0.34 33.39
C LEU A 1130 5.17 0.65 34.24
N ASP A 1131 4.69 -0.35 35.00
CA ASP A 1131 3.53 -0.12 35.86
C ASP A 1131 3.81 0.97 36.88
N GLY A 1132 5.04 1.00 37.42
CA GLY A 1132 5.39 2.04 38.36
C GLY A 1132 5.29 3.43 37.77
N LEU A 1133 5.82 3.61 36.56
CA LEU A 1133 5.79 4.93 35.93
C LEU A 1133 4.35 5.38 35.65
N LEU A 1134 3.51 4.46 35.18
CA LEU A 1134 2.11 4.81 34.91
C LEU A 1134 1.41 5.26 36.18
N VAL A 1135 1.68 4.58 37.29
CA VAL A 1135 1.06 4.96 38.57
C VAL A 1135 1.56 6.34 38.99
N LEU A 1136 2.85 6.60 38.79
CA LEU A 1136 3.39 7.90 39.13
C LEU A 1136 2.72 9.00 38.30
N VAL A 1137 2.60 8.78 36.99
CA VAL A 1137 1.95 9.76 36.13
C VAL A 1137 0.51 9.99 36.59
N SER A 1138 -0.15 8.92 37.05
CA SER A 1138 -1.52 9.05 37.53
C SER A 1138 -1.59 9.93 38.76
N LEU A 1139 -0.66 9.74 39.70
CA LEU A 1139 -0.65 10.56 40.90
C LEU A 1139 -0.39 12.02 40.55
N VAL A 1140 0.56 12.28 39.65
CA VAL A 1140 0.83 13.66 39.25
C VAL A 1140 -0.42 14.29 38.66
N ASP A 1141 -1.22 13.51 37.92
CA ASP A 1141 -2.46 14.02 37.35
C ASP A 1141 -3.38 14.52 38.46
N ILE A 1142 -3.47 13.77 39.55
CA ILE A 1142 -4.31 14.18 40.68
C ILE A 1142 -3.77 15.48 41.28
N VAL A 1143 -2.44 15.57 41.41
CA VAL A 1143 -1.84 16.75 42.03
C VAL A 1143 -2.13 17.98 41.18
N VAL A 1144 -1.90 17.89 39.87
CA VAL A 1144 -2.14 19.03 38.99
C VAL A 1144 -3.61 19.38 38.95
N ALA A 1145 -4.47 18.36 38.85
CA ALA A 1145 -5.91 18.61 38.83
C ALA A 1145 -6.38 19.28 40.10
N MET A 1146 -5.69 19.03 41.22
CA MET A 1146 -6.07 19.67 42.48
C MET A 1146 -5.75 21.16 42.48
N ALA A 1147 -4.82 21.61 41.64
CA ALA A 1147 -4.46 23.02 41.57
C ALA A 1147 -5.67 23.86 41.16
N GLY A 1151 -7.35 26.63 39.11
CA GLY A 1151 -7.05 27.71 40.03
C GLY A 1151 -5.60 28.13 40.01
N ALA A 1152 -4.88 27.72 38.96
CA ALA A 1152 -3.47 28.06 38.82
C ALA A 1152 -3.11 28.03 37.34
N LYS A 1153 -1.97 28.63 37.02
CA LYS A 1153 -1.49 28.69 35.64
C LYS A 1153 -0.71 27.41 35.32
N ILE A 1154 -1.47 26.33 35.12
CA ILE A 1154 -0.91 25.02 34.80
C ILE A 1154 -1.65 24.39 33.61
N LEU A 1155 -2.18 25.22 32.71
CA LEU A 1155 -2.90 24.70 31.56
C LEU A 1155 -1.97 23.92 30.64
N GLY A 1156 -0.77 24.45 30.40
CA GLY A 1156 0.16 23.78 29.51
C GLY A 1156 0.54 22.40 30.00
N VAL A 1157 0.84 22.27 31.29
CA VAL A 1157 1.25 20.97 31.83
C VAL A 1157 0.10 19.99 31.79
N LEU A 1158 -1.14 20.49 31.93
CA LEU A 1158 -2.29 19.61 31.97
C LEU A 1158 -2.44 18.83 30.67
N ARG A 1159 -2.27 19.50 29.53
CA ARG A 1159 -2.48 18.84 28.24
C ARG A 1159 -1.42 17.76 28.00
N VAL A 1160 -0.23 17.93 28.57
CA VAL A 1160 0.82 16.94 28.39
C VAL A 1160 0.46 15.66 29.14
N LEU A 1161 -0.08 15.80 30.36
CA LEU A 1161 -0.48 14.63 31.14
C LEU A 1161 -1.64 13.90 30.47
N ARG A 1162 -2.55 14.64 29.86
CA ARG A 1162 -3.66 14.00 29.14
C ARG A 1162 -3.16 13.06 28.07
N LEU A 1163 -2.11 13.46 27.35
CA LEU A 1163 -1.57 12.60 26.30
C LEU A 1163 -1.00 11.31 26.89
N LEU A 1164 -0.33 11.40 28.03
CA LEU A 1164 0.28 10.22 28.63
C LEU A 1164 -0.76 9.27 29.20
N ARG A 1165 -1.96 9.78 29.54
CA ARG A 1165 -3.00 8.91 30.06
C ARG A 1165 -3.47 7.89 29.05
N THR A 1166 -3.16 8.09 27.76
CA THR A 1166 -3.61 7.15 26.73
C THR A 1166 -2.70 5.92 26.65
N LEU A 1167 -1.59 5.90 27.40
CA LEU A 1167 -0.69 4.75 27.40
C LEU A 1167 -1.00 3.76 28.52
N ARG A 1168 -2.07 3.97 29.28
CA ARG A 1168 -2.38 3.02 30.34
C ARG A 1168 -2.80 1.63 29.82
N PRO A 1169 -3.38 1.48 28.63
CA PRO A 1169 -3.72 0.14 28.16
C PRO A 1169 -2.52 -0.78 27.98
N LEU A 1170 -1.29 -0.25 28.02
CA LEU A 1170 -0.12 -1.10 27.86
C LEU A 1170 0.03 -2.09 29.01
N ARG A 1171 -0.64 -1.84 30.13
CA ARG A 1171 -0.54 -2.77 31.26
C ARG A 1171 -1.15 -4.13 30.93
N VAL A 1172 -1.92 -4.22 29.85
CA VAL A 1172 -2.56 -5.48 29.50
C VAL A 1172 -1.52 -6.51 29.04
N ILE A 1173 -0.39 -6.04 28.51
CA ILE A 1173 0.60 -6.96 27.96
C ILE A 1173 1.18 -7.85 29.06
N SER A 1174 1.56 -7.24 30.18
CA SER A 1174 2.22 -8.00 31.23
C SER A 1174 1.27 -8.94 31.95
N ARG A 1175 -0.04 -8.64 31.96
CA ARG A 1175 -1.01 -9.52 32.59
C ARG A 1175 -1.37 -10.72 31.72
N ALA A 1176 -1.09 -10.67 30.42
CA ALA A 1176 -1.45 -11.74 29.50
C ALA A 1176 -0.21 -12.46 29.03
N PRO A 1177 0.00 -13.74 29.38
CA PRO A 1177 1.21 -14.42 28.92
C PRO A 1177 1.33 -14.51 27.40
N GLY A 1178 0.20 -14.61 26.69
CA GLY A 1178 0.25 -14.71 25.25
C GLY A 1178 0.86 -13.48 24.60
N LEU A 1179 0.43 -12.29 25.05
CA LEU A 1179 0.96 -11.06 24.48
C LEU A 1179 2.42 -10.86 24.88
N LYS A 1180 2.77 -11.22 26.11
CA LYS A 1180 4.14 -10.99 26.60
C LYS A 1180 5.15 -11.75 25.75
N LEU A 1181 4.83 -12.98 25.36
CA LEU A 1181 5.75 -13.76 24.55
C LEU A 1181 5.92 -13.14 23.16
N VAL A 1182 4.81 -12.74 22.54
CA VAL A 1182 4.89 -12.17 21.19
C VAL A 1182 5.64 -10.85 21.21
N VAL A 1183 5.36 -10.01 22.22
CA VAL A 1183 6.01 -8.70 22.30
C VAL A 1183 7.52 -8.88 22.42
N GLU A 1184 7.96 -9.80 23.28
CA GLU A 1184 9.39 -10.03 23.44
C GLU A 1184 9.99 -10.64 22.17
N THR A 1185 9.20 -11.41 21.43
CA THR A 1185 9.69 -12.00 20.19
C THR A 1185 9.99 -10.92 19.15
N LEU A 1186 9.13 -9.91 19.05
CA LEU A 1186 9.35 -8.83 18.09
C LEU A 1186 10.60 -8.05 18.43
N ILE A 1187 10.83 -7.79 19.72
CA ILE A 1187 12.03 -7.03 20.13
C ILE A 1187 13.28 -7.81 19.77
N SER A 1188 13.26 -9.12 19.97
CA SER A 1188 14.43 -9.94 19.66
C SER A 1188 14.65 -10.03 18.16
N SER A 1189 13.59 -9.83 17.37
CA SER A 1189 13.71 -9.95 15.92
C SER A 1189 14.42 -8.75 15.32
N LEU A 1190 14.58 -7.67 16.08
CA LEU A 1190 15.27 -6.49 15.56
C LEU A 1190 16.78 -6.63 15.64
N ARG A 1191 17.28 -7.53 16.50
CA ARG A 1191 18.72 -7.71 16.63
C ARG A 1191 19.38 -8.10 15.31
N PRO A 1192 18.94 -9.14 14.60
CA PRO A 1192 19.65 -9.52 13.37
C PRO A 1192 19.65 -8.44 12.30
N ILE A 1193 18.61 -7.60 12.27
CA ILE A 1193 18.51 -6.56 11.25
C ILE A 1193 18.91 -5.22 11.84
N GLY A 1194 19.73 -5.24 12.89
CA GLY A 1194 20.17 -4.00 13.50
C GLY A 1194 21.08 -3.20 12.60
N ASN A 1195 22.01 -3.88 11.92
CA ASN A 1195 22.97 -3.17 11.08
C ASN A 1195 22.31 -2.64 9.82
N ILE A 1196 21.32 -3.35 9.29
CA ILE A 1196 20.65 -2.87 8.07
C ILE A 1196 19.87 -1.61 8.36
N VAL A 1197 19.26 -1.52 9.54
CA VAL A 1197 18.54 -0.31 9.92
C VAL A 1197 19.49 0.86 10.05
N LEU A 1198 20.67 0.62 10.62
CA LEU A 1198 21.65 1.70 10.77
C LEU A 1198 22.13 2.20 9.42
N ILE A 1199 22.35 1.29 8.48
CA ILE A 1199 22.74 1.70 7.13
C ILE A 1199 21.60 2.47 6.47
N CYS A 1200 20.36 2.05 6.72
CA CYS A 1200 19.21 2.75 6.16
C CYS A 1200 19.05 4.14 6.78
N CYS A 1201 19.35 4.26 8.08
CA CYS A 1201 19.29 5.55 8.73
C CYS A 1201 20.38 6.48 8.20
N ALA A 1202 21.58 5.95 8.01
CA ALA A 1202 22.67 6.76 7.46
C ALA A 1202 22.33 7.23 6.04
N PHE A 1203 21.70 6.36 5.26
CA PHE A 1203 21.28 6.74 3.91
C PHE A 1203 20.27 7.89 3.97
N PHE A 1204 19.32 7.81 4.90
CA PHE A 1204 18.30 8.86 5.02
C PHE A 1204 18.95 10.22 5.25
N ILE A 1205 19.97 10.28 6.10
CA ILE A 1205 20.59 11.55 6.43
C ILE A 1205 21.44 12.06 5.27
N ILE A 1206 22.12 11.15 4.57
CA ILE A 1206 22.95 11.57 3.43
C ILE A 1206 22.09 12.17 2.33
N PHE A 1207 20.99 11.48 1.98
CA PHE A 1207 20.07 12.04 0.99
C PHE A 1207 19.33 13.25 1.56
N GLY A 1208 19.03 13.24 2.85
CA GLY A 1208 18.37 14.39 3.45
C GLY A 1208 19.21 15.66 3.31
N ILE A 1209 20.50 15.56 3.60
CA ILE A 1209 21.38 16.71 3.47
C ILE A 1209 21.51 17.11 1.99
N LEU A 1210 21.60 16.11 1.11
CA LEU A 1210 21.71 16.41 -0.32
C LEU A 1210 20.46 17.12 -0.82
N GLY A 1211 19.27 16.70 -0.36
CA GLY A 1211 18.06 17.35 -0.80
C GLY A 1211 17.97 18.80 -0.37
N VAL A 1212 18.44 19.10 0.84
CA VAL A 1212 18.46 20.49 1.30
C VAL A 1212 19.33 21.33 0.39
N GLN A 1213 20.49 20.79 0.00
CA GLN A 1213 21.39 21.55 -0.87
C GLN A 1213 20.77 21.78 -2.24
N LEU A 1214 19.92 20.86 -2.70
CA LEU A 1214 19.35 20.98 -4.04
C LEU A 1214 18.09 21.83 -4.03
N PHE A 1215 17.23 21.69 -3.02
CA PHE A 1215 15.88 22.22 -3.08
C PHE A 1215 15.50 23.18 -1.96
N LYS A 1216 16.43 23.63 -1.12
CA LYS A 1216 16.02 24.49 -0.03
C LYS A 1216 15.59 25.84 -0.57
N GLY A 1217 14.39 26.27 -0.18
CA GLY A 1217 13.87 27.57 -0.57
C GLY A 1217 13.16 27.62 -1.90
N LYS A 1218 13.11 26.51 -2.64
CA LYS A 1218 12.54 26.50 -3.98
C LYS A 1218 11.17 25.85 -4.06
N PHE A 1219 10.63 25.33 -2.96
CA PHE A 1219 9.30 24.75 -2.94
C PHE A 1219 8.20 25.74 -2.56
N TYR A 1220 8.43 27.04 -2.75
CA TYR A 1220 7.35 28.00 -2.64
C TYR A 1220 6.65 28.17 -3.98
N TYR A 1221 5.39 28.59 -3.92
CA TYR A 1221 4.58 28.76 -5.11
C TYR A 1221 3.45 29.73 -4.83
N CYS A 1222 2.93 30.33 -5.89
CA CYS A 1222 1.84 31.30 -5.80
C CYS A 1222 0.51 30.58 -5.97
N GLU A 1223 -0.42 30.84 -5.06
CA GLU A 1223 -1.73 30.20 -5.06
C GLU A 1223 -2.79 31.21 -5.49
N GLY A 1224 -3.50 30.91 -6.57
CA GLY A 1224 -4.52 31.79 -7.08
C GLY A 1224 -5.29 31.16 -8.22
N PRO A 1225 -6.38 31.82 -8.64
CA PRO A 1225 -7.20 31.26 -9.72
C PRO A 1225 -6.58 31.42 -11.10
N ASP A 1226 -5.90 32.55 -11.32
CA ASP A 1226 -5.25 32.87 -12.60
C ASP A 1226 -3.78 33.10 -12.31
N THR A 1227 -2.97 32.05 -12.43
CA THR A 1227 -1.56 32.08 -12.02
C THR A 1227 -0.57 31.86 -13.15
N ARG A 1228 -1.02 31.54 -14.37
CA ARG A 1228 -0.08 31.25 -15.45
C ARG A 1228 0.76 32.48 -15.81
N ASN A 1229 0.29 33.68 -15.49
CA ASN A 1229 1.03 34.89 -15.80
C ASN A 1229 2.02 35.29 -14.71
N ILE A 1230 1.99 34.61 -13.56
CA ILE A 1230 2.87 34.91 -12.44
C ILE A 1230 4.19 34.18 -12.64
N SER A 1231 5.29 34.84 -12.28
CA SER A 1231 6.62 34.25 -12.41
C SER A 1231 7.52 34.50 -11.21
N THR A 1232 7.18 35.42 -10.32
CA THR A 1232 8.00 35.70 -9.15
C THR A 1232 7.10 36.04 -7.97
N LYS A 1233 7.71 36.11 -6.79
CA LYS A 1233 6.96 36.45 -5.59
C LYS A 1233 6.35 37.85 -5.70
N ALA A 1234 7.13 38.80 -6.22
CA ALA A 1234 6.64 40.18 -6.33
C ALA A 1234 5.37 40.26 -7.17
N GLN A 1235 5.33 39.51 -8.27
CA GLN A 1235 4.12 39.50 -9.09
C GLN A 1235 2.96 38.83 -8.35
N CYS A 1236 3.27 37.83 -7.52
CA CYS A 1236 2.23 37.20 -6.70
C CYS A 1236 1.64 38.20 -5.72
N ARG A 1237 2.48 38.99 -5.07
CA ARG A 1237 1.99 40.03 -4.17
C ARG A 1237 1.13 41.04 -4.94
N ALA A 1238 1.59 41.46 -6.12
CA ALA A 1238 0.87 42.47 -6.88
C ALA A 1238 -0.51 41.97 -7.30
N ALA A 1239 -0.60 40.69 -7.68
CA ALA A 1239 -1.87 40.11 -8.09
C ALA A 1239 -2.81 39.84 -6.91
N HIS A 1240 -2.48 40.29 -5.71
CA HIS A 1240 -3.31 40.10 -4.52
C HIS A 1240 -3.49 38.63 -4.17
N TYR A 1241 -2.62 37.76 -4.68
CA TYR A 1241 -2.63 36.35 -4.33
C TYR A 1241 -1.81 36.16 -3.05
N ARG A 1242 -1.49 34.91 -2.72
CA ARG A 1242 -0.74 34.59 -1.52
C ARG A 1242 0.39 33.62 -1.85
N TRP A 1243 1.57 33.90 -1.31
CA TRP A 1243 2.77 33.10 -1.51
C TRP A 1243 2.88 32.08 -0.39
N VAL A 1244 2.86 30.80 -0.74
CA VAL A 1244 2.75 29.72 0.21
C VAL A 1244 3.78 28.65 -0.10
N ARG A 1245 4.04 27.79 0.88
CA ARG A 1245 5.05 26.74 0.81
C ARG A 1245 4.40 25.38 0.87
N ARG A 1246 5.00 24.41 0.16
CA ARG A 1246 4.52 23.04 0.23
C ARG A 1246 4.70 22.48 1.64
N LYS A 1247 3.82 21.55 2.02
CA LYS A 1247 3.93 20.92 3.32
C LYS A 1247 5.20 20.06 3.39
N TYR A 1248 5.48 19.30 2.34
CA TYR A 1248 6.66 18.44 2.27
C TYR A 1248 7.71 19.14 1.40
N ASN A 1249 8.77 19.62 2.03
CA ASN A 1249 9.80 20.40 1.34
C ASN A 1249 11.18 20.10 1.92
N PHE A 1250 12.19 20.85 1.47
CA PHE A 1250 13.56 20.65 1.93
C PHE A 1250 14.19 21.96 2.39
N ASP A 1251 13.48 22.75 3.20
CA ASP A 1251 14.06 23.99 3.70
C ASP A 1251 15.12 23.74 4.75
N ASN A 1252 15.09 22.59 5.43
CA ASN A 1252 16.11 22.22 6.39
C ASN A 1252 16.07 20.71 6.55
N LEU A 1253 17.11 20.17 7.21
CA LEU A 1253 17.22 18.72 7.32
C LEU A 1253 16.06 18.13 8.11
N GLY A 1254 15.40 18.93 8.95
CA GLY A 1254 14.22 18.44 9.62
C GLY A 1254 13.05 18.27 8.67
N GLN A 1255 12.83 19.26 7.81
CA GLN A 1255 11.80 19.13 6.79
C GLN A 1255 12.19 18.09 5.74
N ALA A 1256 13.48 17.96 5.46
CA ALA A 1256 13.94 17.05 4.42
C ALA A 1256 13.68 15.61 4.80
N LEU A 1257 13.92 15.25 6.07
CA LEU A 1257 13.71 13.87 6.51
C LEU A 1257 12.24 13.48 6.42
N MET A 1258 11.34 14.42 6.74
CA MET A 1258 9.92 14.12 6.66
C MET A 1258 9.50 13.84 5.23
N SER A 1259 10.10 14.56 4.26
CA SER A 1259 9.77 14.33 2.86
C SER A 1259 10.28 12.97 2.39
N LEU A 1260 11.48 12.59 2.84
CA LEU A 1260 12.05 11.31 2.43
C LEU A 1260 11.21 10.14 2.95
N PHE A 1261 10.68 10.27 4.16
CA PHE A 1261 9.84 9.20 4.71
C PHE A 1261 8.59 9.00 3.84
N VAL A 1262 8.00 10.10 3.37
CA VAL A 1262 6.83 9.99 2.50
C VAL A 1262 7.21 9.34 1.18
N LEU A 1263 8.43 9.62 0.70
CA LEU A 1263 8.90 8.97 -0.51
C LEU A 1263 9.12 7.48 -0.29
N SER A 1264 9.72 7.12 0.86
CA SER A 1264 9.99 5.72 1.14
C SER A 1264 8.69 4.92 1.25
N SER A 1265 7.69 5.47 1.93
CA SER A 1265 6.40 4.80 2.04
C SER A 1265 5.68 4.74 0.70
N LYS A 1266 6.12 5.52 -0.28
CA LYS A 1266 5.55 5.52 -1.63
C LYS A 1266 4.07 5.91 -1.62
N ASP A 1267 3.67 6.74 -0.66
CA ASP A 1267 2.33 7.32 -0.62
C ASP A 1267 2.48 8.82 -0.89
N GLY A 1268 1.97 9.27 -2.03
CA GLY A 1268 2.15 10.66 -2.42
C GLY A 1268 3.56 10.99 -2.84
N TRP A 1269 4.37 9.99 -3.18
CA TRP A 1269 5.74 10.25 -3.60
C TRP A 1269 5.80 10.91 -4.97
N VAL A 1270 4.77 10.76 -5.79
CA VAL A 1270 4.78 11.34 -7.12
C VAL A 1270 4.64 12.86 -7.03
N ASN A 1271 3.86 13.34 -6.07
CA ASN A 1271 3.65 14.77 -5.94
C ASN A 1271 4.92 15.47 -5.48
N ILE A 1272 5.68 14.84 -4.59
CA ILE A 1272 6.94 15.42 -4.13
C ILE A 1272 7.94 15.46 -5.28
N MET A 1273 7.90 14.44 -6.15
CA MET A 1273 8.82 14.42 -7.29
C MET A 1273 8.52 15.55 -8.26
N TYR A 1274 7.24 15.87 -8.45
CA TYR A 1274 6.89 16.99 -9.32
C TYR A 1274 7.43 18.31 -8.77
N ASP A 1275 7.36 18.48 -7.45
CA ASP A 1275 7.86 19.73 -6.86
C ASP A 1275 9.36 19.87 -7.10
N GLY A 1276 10.11 18.78 -6.99
CA GLY A 1276 11.53 18.84 -7.27
C GLY A 1276 11.84 19.00 -8.74
N LEU A 1277 10.95 18.52 -9.61
CA LEU A 1277 11.17 18.68 -11.04
C LEU A 1277 10.80 20.10 -11.50
N ASP A 1278 9.92 20.77 -10.78
CA ASP A 1278 9.47 22.10 -11.15
C ASP A 1278 10.21 23.21 -10.42
N ALA A 1279 11.13 22.88 -9.52
CA ALA A 1279 11.83 23.91 -8.77
C ALA A 1279 12.66 24.78 -9.70
N VAL A 1280 12.55 26.10 -9.52
CA VAL A 1280 13.27 27.08 -10.32
C VAL A 1280 14.32 27.81 -9.47
N GLY A 1281 13.90 28.40 -8.37
CA GLY A 1281 14.82 29.11 -7.51
C GLY A 1281 14.07 29.83 -6.41
N VAL A 1282 14.83 30.61 -5.64
CA VAL A 1282 14.25 31.37 -4.54
C VAL A 1282 13.48 32.56 -5.11
N ASP A 1283 12.22 32.68 -4.71
CA ASP A 1283 11.32 33.73 -5.17
C ASP A 1283 10.99 33.62 -6.65
N GLN A 1284 11.07 32.41 -7.22
CA GLN A 1284 10.71 32.16 -8.60
C GLN A 1284 9.58 31.14 -8.66
N GLN A 1285 8.58 31.42 -9.47
CA GLN A 1285 7.47 30.50 -9.65
C GLN A 1285 7.97 29.19 -10.25
N PRO A 1286 7.57 28.03 -9.72
CA PRO A 1286 7.99 26.77 -10.34
C PRO A 1286 7.38 26.59 -11.72
N VAL A 1287 8.13 25.94 -12.59
CA VAL A 1287 7.71 25.69 -13.97
C VAL A 1287 7.67 24.19 -14.20
N GLN A 1288 6.61 23.71 -14.83
CA GLN A 1288 6.43 22.28 -15.04
C GLN A 1288 7.62 21.67 -15.75
N ASN A 1289 8.13 20.56 -15.20
CA ASN A 1289 9.25 19.82 -15.78
C ASN A 1289 10.40 20.75 -16.13
N HIS A 1290 10.76 21.62 -15.19
CA HIS A 1290 11.86 22.55 -15.43
C HIS A 1290 13.19 21.82 -15.52
N ASN A 1291 13.42 20.84 -14.64
CA ASN A 1291 14.68 20.12 -14.56
C ASN A 1291 14.39 18.61 -14.56
N PRO A 1292 14.24 18.02 -15.74
CA PRO A 1292 13.94 16.58 -15.79
C PRO A 1292 15.04 15.70 -15.24
N TRP A 1293 16.26 16.21 -15.07
CA TRP A 1293 17.34 15.40 -14.53
C TRP A 1293 17.15 15.10 -13.05
N MET A 1294 16.19 15.76 -12.38
CA MET A 1294 15.94 15.46 -10.97
C MET A 1294 15.22 14.13 -10.78
N LEU A 1295 14.91 13.41 -11.85
CA LEU A 1295 14.31 12.09 -11.70
C LEU A 1295 15.30 11.12 -11.07
N LEU A 1296 16.60 11.36 -11.26
CA LEU A 1296 17.61 10.46 -10.71
C LEU A 1296 17.61 10.51 -9.18
N TYR A 1297 17.37 11.69 -8.61
CA TYR A 1297 17.40 11.82 -7.16
C TYR A 1297 16.25 11.07 -6.52
N PHE A 1298 15.02 11.27 -7.02
CA PHE A 1298 13.85 10.68 -6.39
C PHE A 1298 13.74 9.19 -6.70
N ILE A 1299 14.04 8.78 -7.94
CA ILE A 1299 13.95 7.37 -8.28
C ILE A 1299 15.06 6.58 -7.63
N SER A 1300 16.25 7.18 -7.50
CA SER A 1300 17.38 6.49 -6.86
C SER A 1300 17.07 6.19 -5.40
N PHE A 1301 16.42 7.13 -4.71
CA PHE A 1301 16.08 6.92 -3.31
C PHE A 1301 15.09 5.78 -3.14
N LEU A 1302 14.08 5.72 -4.02
CA LEU A 1302 13.08 4.65 -3.91
C LEU A 1302 13.72 3.28 -4.13
N LEU A 1303 14.63 3.18 -5.10
CA LEU A 1303 15.21 1.89 -5.42
C LEU A 1303 16.14 1.40 -4.32
N ILE A 1304 17.03 2.27 -3.83
CA ILE A 1304 17.99 1.86 -2.82
C ILE A 1304 17.28 1.57 -1.50
N VAL A 1305 16.29 2.39 -1.15
CA VAL A 1305 15.55 2.17 0.09
C VAL A 1305 14.78 0.86 0.01
N SER A 1306 14.18 0.57 -1.15
CA SER A 1306 13.45 -0.69 -1.31
C SER A 1306 14.39 -1.87 -1.20
N PHE A 1307 15.65 -1.69 -1.61
CA PHE A 1307 16.63 -2.78 -1.53
C PHE A 1307 16.99 -3.08 -0.08
N PHE A 1308 17.10 -2.05 0.75
CA PHE A 1308 17.34 -2.28 2.18
C PHE A 1308 16.13 -2.93 2.83
N VAL A 1309 14.94 -2.39 2.58
CA VAL A 1309 13.73 -2.96 3.19
C VAL A 1309 13.53 -4.40 2.73
N LEU A 1310 13.94 -4.70 1.51
CA LEU A 1310 13.85 -6.08 1.03
C LEU A 1310 14.78 -6.98 1.84
N ASN A 1311 15.96 -6.49 2.20
CA ASN A 1311 16.91 -7.29 2.95
C ASN A 1311 16.56 -7.36 4.43
N MET A 1312 15.74 -6.43 4.93
CA MET A 1312 15.27 -6.53 6.30
C MET A 1312 14.25 -7.65 6.44
N PHE A 1313 13.34 -7.77 5.47
CA PHE A 1313 12.39 -8.87 5.49
C PHE A 1313 13.11 -10.20 5.41
N VAL A 1314 14.14 -10.29 4.57
CA VAL A 1314 14.91 -11.52 4.46
C VAL A 1314 15.59 -11.84 5.79
N GLY A 1315 16.17 -10.82 6.43
CA GLY A 1315 16.89 -11.06 7.67
C GLY A 1315 16.01 -11.66 8.75
N VAL A 1316 14.78 -11.19 8.85
CA VAL A 1316 13.87 -11.70 9.87
C VAL A 1316 13.50 -13.15 9.57
N VAL A 1317 13.33 -13.48 8.29
CA VAL A 1317 12.96 -14.83 7.92
C VAL A 1317 14.11 -15.80 8.19
N VAL A 1318 15.32 -15.40 7.83
CA VAL A 1318 16.48 -16.29 8.01
C VAL A 1318 16.70 -16.56 9.50
N GLU A 1319 16.45 -15.56 10.35
CA GLU A 1319 16.62 -15.76 11.77
C GLU A 1319 15.60 -16.76 12.32
N ASN A 1320 14.33 -16.58 11.95
CA ASN A 1320 13.30 -17.50 12.39
C ASN A 1320 13.59 -18.91 11.91
N PHE A 1321 14.16 -19.04 10.72
CA PHE A 1321 14.45 -20.36 10.16
C PHE A 1321 15.59 -21.03 10.92
N HIS A 1322 16.67 -20.29 11.21
CA HIS A 1322 17.79 -20.87 11.93
C HIS A 1322 17.38 -21.28 13.34
N LYS A 1323 16.60 -20.45 14.03
CA LYS A 1323 16.19 -20.82 15.38
C LYS A 1323 15.16 -21.93 15.36
N CYS A 1324 14.28 -21.94 14.36
CA CYS A 1324 13.25 -22.97 14.29
C CYS A 1324 13.87 -24.34 14.07
N ARG A 1325 14.86 -24.42 13.17
CA ARG A 1325 15.49 -25.71 12.89
C ARG A 1325 16.36 -26.19 14.04
N GLN A 1326 16.84 -25.28 14.89
CA GLN A 1326 17.56 -25.71 16.08
C GLN A 1326 16.61 -26.24 17.14
N HIS A 1327 15.43 -25.63 17.27
CA HIS A 1327 14.43 -26.09 18.22
C HIS A 1327 13.75 -27.35 17.70
N SER A 1367 -32.44 -54.40 1.34
CA SER A 1367 -32.19 -53.13 0.68
C SER A 1367 -31.97 -53.27 -0.83
N PRO A 1368 -32.79 -54.09 -1.50
CA PRO A 1368 -32.58 -54.25 -2.96
C PRO A 1368 -32.87 -52.99 -3.75
N THR A 1369 -33.94 -52.27 -3.40
CA THR A 1369 -34.26 -51.02 -4.07
C THR A 1369 -33.34 -49.90 -3.62
N ARG A 1370 -32.75 -50.02 -2.43
CA ARG A 1370 -31.89 -48.99 -1.89
C ARG A 1370 -30.45 -49.12 -2.37
N ARG A 1371 -29.97 -50.36 -2.56
CA ARG A 1371 -28.55 -50.55 -2.86
C ARG A 1371 -28.15 -49.86 -4.16
N SER A 1372 -29.05 -49.81 -5.15
CA SER A 1372 -28.70 -49.16 -6.41
C SER A 1372 -28.50 -47.67 -6.22
N ILE A 1373 -29.33 -47.03 -5.39
CA ILE A 1373 -29.15 -45.61 -5.11
C ILE A 1373 -27.87 -45.38 -4.32
N HIS A 1374 -27.59 -46.26 -3.35
CA HIS A 1374 -26.33 -46.16 -2.60
C HIS A 1374 -25.14 -46.20 -3.54
N SER A 1375 -25.20 -47.04 -4.58
CA SER A 1375 -24.10 -47.13 -5.53
C SER A 1375 -23.93 -45.81 -6.29
N LEU A 1376 -25.04 -45.23 -6.73
CA LEU A 1376 -24.96 -43.96 -7.44
C LEU A 1376 -24.39 -42.88 -6.54
N CYS A 1377 -24.86 -42.80 -5.30
CA CYS A 1377 -24.33 -41.81 -4.36
C CYS A 1377 -22.87 -42.09 -4.03
N THR A 1378 -22.48 -43.37 -4.01
CA THR A 1378 -21.08 -43.68 -3.75
C THR A 1378 -20.21 -43.37 -4.95
N SER A 1379 -20.76 -43.50 -6.15
CA SER A 1379 -19.98 -43.27 -7.36
C SER A 1379 -19.69 -41.77 -7.52
N HIS A 1380 -18.60 -41.48 -8.23
CA HIS A 1380 -18.19 -40.09 -8.43
C HIS A 1380 -19.11 -39.35 -9.39
N TYR A 1381 -19.98 -40.05 -10.11
CA TYR A 1381 -20.87 -39.38 -11.06
C TYR A 1381 -21.70 -38.30 -10.38
N LEU A 1382 -22.16 -38.56 -9.15
CA LEU A 1382 -23.02 -37.59 -8.49
C LEU A 1382 -22.29 -36.30 -8.18
N ASP A 1383 -21.01 -36.40 -7.78
CA ASP A 1383 -20.25 -35.20 -7.47
C ASP A 1383 -20.04 -34.35 -8.71
N LEU A 1384 -19.67 -34.97 -9.83
CA LEU A 1384 -19.46 -34.22 -11.07
C LEU A 1384 -20.75 -33.56 -11.52
N PHE A 1385 -21.88 -34.27 -11.43
CA PHE A 1385 -23.17 -33.67 -11.76
C PHE A 1385 -23.45 -32.47 -10.86
N ILE A 1386 -23.17 -32.61 -9.56
CA ILE A 1386 -23.36 -31.51 -8.63
C ILE A 1386 -22.49 -30.33 -9.02
N THR A 1387 -21.23 -30.61 -9.38
CA THR A 1387 -20.30 -29.54 -9.75
C THR A 1387 -20.81 -28.78 -10.97
N PHE A 1388 -21.30 -29.51 -11.98
CA PHE A 1388 -21.76 -28.85 -13.19
C PHE A 1388 -22.94 -27.92 -12.91
N ILE A 1389 -23.88 -28.38 -12.08
CA ILE A 1389 -25.08 -27.59 -11.82
C ILE A 1389 -24.73 -26.28 -11.13
N ILE A 1390 -23.85 -26.34 -10.12
CA ILE A 1390 -23.50 -25.13 -9.39
C ILE A 1390 -22.66 -24.20 -10.27
N CYS A 1391 -21.77 -24.78 -11.08
CA CYS A 1391 -20.99 -23.95 -12.01
C CYS A 1391 -21.92 -23.21 -12.96
N VAL A 1392 -22.98 -23.87 -13.41
CA VAL A 1392 -23.97 -23.19 -14.24
C VAL A 1392 -24.70 -22.14 -13.43
N ASN A 1393 -24.94 -22.43 -12.14
CA ASN A 1393 -25.60 -21.45 -11.28
C ASN A 1393 -24.75 -20.19 -11.14
N VAL A 1394 -23.43 -20.36 -11.02
CA VAL A 1394 -22.55 -19.20 -10.91
C VAL A 1394 -22.61 -18.36 -12.17
N ILE A 1395 -22.81 -19.00 -13.32
CA ILE A 1395 -22.91 -18.25 -14.57
C ILE A 1395 -24.19 -17.42 -14.60
N THR A 1396 -25.29 -17.98 -14.11
CA THR A 1396 -26.56 -17.24 -14.11
C THR A 1396 -26.57 -16.15 -13.06
N MET A 1397 -25.78 -16.30 -11.99
CA MET A 1397 -25.69 -15.24 -10.99
C MET A 1397 -24.85 -14.06 -11.48
N SER A 1398 -24.02 -14.26 -12.50
CA SER A 1398 -23.21 -13.19 -13.03
C SER A 1398 -23.92 -12.41 -14.14
N MET A 1399 -25.05 -12.91 -14.63
CA MET A 1399 -25.74 -12.24 -15.73
C MET A 1399 -26.61 -11.09 -15.24
N GLU A 1400 -26.79 -10.94 -13.93
CA GLU A 1400 -27.60 -9.84 -13.42
C GLU A 1400 -26.87 -8.51 -13.63
N HIS A 1401 -27.64 -7.47 -13.89
CA HIS A 1401 -27.05 -6.16 -14.16
C HIS A 1401 -28.15 -5.10 -14.05
N TYR A 1402 -27.70 -3.85 -13.94
CA TYR A 1402 -28.63 -2.74 -13.74
C TYR A 1402 -29.56 -2.58 -14.94
N ASN A 1403 -30.84 -2.42 -14.66
CA ASN A 1403 -31.86 -2.25 -15.70
C ASN A 1403 -31.85 -3.42 -16.68
N GLN A 1404 -31.77 -4.63 -16.15
CA GLN A 1404 -31.82 -5.81 -17.01
C GLN A 1404 -33.25 -6.01 -17.52
N PRO A 1405 -33.42 -6.57 -18.71
CA PRO A 1405 -34.77 -6.67 -19.28
C PRO A 1405 -35.63 -7.66 -18.51
N LYS A 1406 -36.95 -7.46 -18.59
CA LYS A 1406 -37.88 -8.34 -17.88
C LYS A 1406 -37.76 -9.77 -18.38
N SER A 1407 -37.38 -9.96 -19.64
CA SER A 1407 -37.22 -11.32 -20.16
C SER A 1407 -36.13 -12.07 -19.40
N LEU A 1408 -35.07 -11.38 -19.00
CA LEU A 1408 -34.03 -12.02 -18.21
C LEU A 1408 -34.52 -12.34 -16.81
N ASP A 1409 -35.36 -11.48 -16.24
CA ASP A 1409 -35.90 -11.74 -14.91
C ASP A 1409 -36.68 -13.05 -14.87
N GLU A 1410 -37.49 -13.30 -15.91
CA GLU A 1410 -38.26 -14.55 -15.96
C GLU A 1410 -37.34 -15.74 -16.17
N ALA A 1411 -36.30 -15.58 -17.00
CA ALA A 1411 -35.39 -16.69 -17.26
C ALA A 1411 -34.60 -17.05 -16.01
N LEU A 1412 -34.15 -16.05 -15.25
CA LEU A 1412 -33.34 -16.33 -14.06
C LEU A 1412 -34.18 -17.00 -12.97
N LYS A 1413 -35.42 -16.55 -12.77
CA LYS A 1413 -36.25 -17.16 -11.74
C LYS A 1413 -36.62 -18.59 -12.09
N TYR A 1414 -36.77 -18.90 -13.38
CA TYR A 1414 -36.99 -20.29 -13.77
C TYR A 1414 -35.77 -21.15 -13.47
N CYS A 1415 -34.58 -20.61 -13.72
CA CYS A 1415 -33.37 -21.35 -13.38
C CYS A 1415 -33.30 -21.64 -11.90
N ASN A 1416 -33.73 -20.69 -11.06
CA ASN A 1416 -33.72 -20.92 -9.62
C ASN A 1416 -34.61 -22.10 -9.26
N TYR A 1417 -35.71 -22.31 -10.00
CA TYR A 1417 -36.54 -23.47 -9.76
C TYR A 1417 -35.76 -24.76 -10.02
N VAL A 1418 -35.00 -24.80 -11.12
CA VAL A 1418 -34.32 -26.03 -11.49
C VAL A 1418 -33.23 -26.37 -10.48
N PHE A 1419 -32.42 -25.39 -10.10
CA PHE A 1419 -31.33 -25.65 -9.16
C PHE A 1419 -31.87 -26.10 -7.81
N THR A 1420 -32.96 -25.49 -7.35
CA THR A 1420 -33.52 -25.88 -6.05
C THR A 1420 -33.99 -27.33 -6.08
N ILE A 1421 -34.67 -27.72 -7.17
CA ILE A 1421 -35.13 -29.10 -7.29
C ILE A 1421 -33.95 -30.07 -7.30
N VAL A 1422 -32.86 -29.69 -7.99
CA VAL A 1422 -31.70 -30.56 -8.07
C VAL A 1422 -31.10 -30.79 -6.69
N PHE A 1423 -30.95 -29.71 -5.91
CA PHE A 1423 -30.42 -29.86 -4.55
C PHE A 1423 -31.39 -30.64 -3.67
N VAL A 1424 -32.69 -30.50 -3.91
CA VAL A 1424 -33.66 -31.24 -3.11
C VAL A 1424 -33.57 -32.74 -3.39
N PHE A 1425 -33.46 -33.10 -4.67
CA PHE A 1425 -33.17 -34.49 -5.00
C PHE A 1425 -31.83 -34.93 -4.43
N GLU A 1426 -30.80 -34.08 -4.59
CA GLU A 1426 -29.48 -34.45 -4.12
C GLU A 1426 -29.50 -34.82 -2.64
N ALA A 1427 -30.29 -34.09 -1.84
CA ALA A 1427 -30.38 -34.40 -0.42
C ALA A 1427 -31.16 -35.70 -0.20
N ALA A 1428 -32.25 -35.88 -0.94
CA ALA A 1428 -33.06 -37.08 -0.77
C ALA A 1428 -32.25 -38.34 -1.07
N LEU A 1429 -31.57 -38.35 -2.22
CA LEU A 1429 -30.78 -39.52 -2.58
C LEU A 1429 -29.73 -39.82 -1.52
N LYS A 1430 -29.06 -38.78 -1.01
CA LYS A 1430 -28.06 -39.01 0.04
C LYS A 1430 -28.69 -39.57 1.30
N LEU A 1431 -29.91 -39.13 1.62
CA LEU A 1431 -30.61 -39.69 2.77
C LEU A 1431 -30.91 -41.16 2.55
N VAL A 1432 -31.45 -41.50 1.38
CA VAL A 1432 -31.81 -42.88 1.08
C VAL A 1432 -30.58 -43.77 1.17
N ALA A 1433 -29.44 -43.28 0.69
CA ALA A 1433 -28.26 -44.12 0.58
C ALA A 1433 -27.66 -44.43 1.95
N PHE A 1434 -27.45 -43.41 2.78
CA PHE A 1434 -26.58 -43.53 3.94
C PHE A 1434 -27.32 -43.64 5.26
N GLY A 1435 -28.59 -43.25 5.32
CA GLY A 1435 -29.32 -43.28 6.58
C GLY A 1435 -29.28 -41.94 7.29
N PHE A 1436 -30.31 -41.64 8.07
CA PHE A 1436 -30.48 -40.30 8.61
C PHE A 1436 -29.31 -39.89 9.49
N ARG A 1437 -29.07 -40.63 10.57
CA ARG A 1437 -28.04 -40.20 11.51
C ARG A 1437 -26.64 -40.31 10.90
N ARG A 1438 -26.38 -41.39 10.17
CA ARG A 1438 -25.07 -41.55 9.55
C ARG A 1438 -24.86 -40.53 8.43
N PHE A 1439 -25.93 -40.16 7.74
CA PHE A 1439 -25.88 -39.04 6.80
C PHE A 1439 -25.45 -37.76 7.51
N PHE A 1440 -26.17 -37.41 8.57
CA PHE A 1440 -26.01 -36.14 9.25
C PHE A 1440 -24.62 -35.98 9.87
N LYS A 1441 -23.95 -37.08 10.19
CA LYS A 1441 -22.63 -37.00 10.83
C LYS A 1441 -21.67 -36.14 10.01
N ASP A 1442 -21.57 -36.40 8.71
CA ASP A 1442 -20.62 -35.68 7.88
C ASP A 1442 -20.95 -34.21 7.82
N ARG A 1443 -19.94 -33.36 8.03
CA ARG A 1443 -20.16 -31.91 7.97
C ARG A 1443 -20.65 -31.48 6.59
N TRP A 1444 -20.06 -32.03 5.52
CA TRP A 1444 -20.49 -31.65 4.18
C TRP A 1444 -21.97 -31.95 3.98
N ASN A 1445 -22.47 -33.03 4.56
CA ASN A 1445 -23.89 -33.33 4.46
C ASN A 1445 -24.72 -32.30 5.23
N GLN A 1446 -24.22 -31.86 6.39
CA GLN A 1446 -24.92 -30.82 7.13
C GLN A 1446 -24.95 -29.52 6.33
N LEU A 1447 -23.86 -29.21 5.63
CA LEU A 1447 -23.82 -28.00 4.82
C LEU A 1447 -24.85 -28.08 3.70
N ASP A 1448 -25.00 -29.25 3.07
CA ASP A 1448 -26.00 -29.42 2.04
C ASP A 1448 -27.40 -29.15 2.59
N LEU A 1449 -27.73 -29.74 3.73
CA LEU A 1449 -29.07 -29.55 4.30
C LEU A 1449 -29.35 -28.09 4.59
N ALA A 1450 -28.32 -27.32 4.95
CA ALA A 1450 -28.52 -25.91 5.25
C ALA A 1450 -28.86 -25.14 3.99
N ILE A 1451 -28.09 -25.35 2.91
CA ILE A 1451 -28.36 -24.64 1.66
C ILE A 1451 -29.72 -25.02 1.11
N VAL A 1452 -30.05 -26.32 1.14
CA VAL A 1452 -31.37 -26.75 0.69
C VAL A 1452 -32.46 -26.06 1.51
N LEU A 1453 -32.30 -26.05 2.83
CA LEU A 1453 -33.24 -25.33 3.69
C LEU A 1453 -33.21 -23.84 3.37
N LEU A 1454 -32.02 -23.25 3.28
CA LEU A 1454 -31.90 -21.84 2.97
C LEU A 1454 -32.61 -21.49 1.66
N SER A 1455 -32.45 -22.34 0.64
CA SER A 1455 -33.05 -22.06 -0.65
C SER A 1455 -34.57 -22.09 -0.58
N LEU A 1456 -35.12 -23.02 0.20
CA LEU A 1456 -36.57 -23.16 0.26
C LEU A 1456 -37.23 -21.93 0.86
N MET A 1457 -36.65 -21.38 1.93
CA MET A 1457 -37.23 -20.19 2.54
C MET A 1457 -37.08 -18.98 1.62
N GLY A 1458 -35.98 -18.91 0.88
CA GLY A 1458 -35.81 -17.82 -0.08
C GLY A 1458 -36.84 -17.87 -1.19
N ILE A 1459 -37.12 -19.06 -1.71
CA ILE A 1459 -38.12 -19.20 -2.77
C ILE A 1459 -39.51 -18.92 -2.23
N THR A 1460 -39.77 -19.30 -0.98
CA THR A 1460 -41.09 -19.09 -0.40
C THR A 1460 -41.36 -17.61 -0.20
N LEU A 1461 -40.43 -16.90 0.44
CA LEU A 1461 -40.60 -15.47 0.64
C LEU A 1461 -40.77 -14.75 -0.69
N GLU A 1462 -39.98 -15.14 -1.70
CA GLU A 1462 -40.04 -14.47 -2.99
C GLU A 1462 -41.42 -14.63 -3.62
N GLU A 1463 -41.97 -15.84 -3.60
CA GLU A 1463 -43.25 -16.08 -4.26
C GLU A 1463 -44.39 -15.36 -3.55
N ILE A 1464 -44.42 -15.41 -2.22
CA ILE A 1464 -45.51 -14.78 -1.48
C ILE A 1464 -45.51 -13.27 -1.70
N GLU A 1465 -44.32 -12.64 -1.63
CA GLU A 1465 -44.25 -11.21 -1.87
C GLU A 1465 -44.71 -10.86 -3.28
N MET A 1466 -44.29 -11.64 -4.27
CA MET A 1466 -44.71 -11.38 -5.65
C MET A 1466 -46.21 -11.53 -5.82
N SER A 1467 -46.89 -12.19 -4.88
CA SER A 1467 -48.34 -12.36 -4.96
C SER A 1467 -49.02 -11.07 -4.48
N ALA A 1468 -50.34 -11.13 -4.29
CA ALA A 1468 -51.08 -9.95 -3.89
C ALA A 1468 -50.68 -9.51 -2.48
N ALA A 1469 -50.57 -10.45 -1.55
CA ALA A 1469 -50.24 -10.11 -0.17
C ALA A 1469 -48.82 -9.56 -0.09
N LEU A 1470 -48.64 -8.53 0.74
CA LEU A 1470 -47.34 -7.89 0.96
C LEU A 1470 -47.11 -7.66 2.45
N PRO A 1471 -46.98 -8.73 3.23
CA PRO A 1471 -46.66 -8.58 4.65
C PRO A 1471 -45.17 -8.67 4.99
N ILE A 1472 -44.29 -8.76 4.00
CA ILE A 1472 -42.86 -8.95 4.22
C ILE A 1472 -42.12 -7.68 3.82
N ASN A 1473 -41.00 -7.40 4.51
CA ASN A 1473 -40.17 -6.21 4.21
C ASN A 1473 -39.33 -6.49 2.95
N PRO A 1474 -39.09 -5.51 2.06
CA PRO A 1474 -38.21 -5.72 0.91
C PRO A 1474 -36.78 -6.00 1.39
N THR A 1475 -36.47 -5.68 2.65
CA THR A 1475 -35.14 -5.90 3.26
C THR A 1475 -34.86 -7.40 3.40
N ILE A 1476 -35.84 -8.19 3.85
CA ILE A 1476 -35.65 -9.63 4.07
C ILE A 1476 -35.49 -10.34 2.74
N ILE A 1477 -36.20 -9.87 1.70
CA ILE A 1477 -36.03 -10.45 0.37
C ILE A 1477 -34.63 -10.17 -0.15
N ARG A 1478 -34.14 -8.96 0.11
CA ARG A 1478 -32.77 -8.60 -0.38
C ARG A 1478 -31.76 -9.55 0.26
N ILE A 1479 -31.86 -9.77 1.57
CA ILE A 1479 -30.87 -10.58 2.28
C ILE A 1479 -30.93 -12.02 1.78
N MET A 1480 -32.13 -12.58 1.66
CA MET A 1480 -32.26 -13.95 1.17
C MET A 1480 -31.67 -14.09 -0.23
N ARG A 1481 -31.92 -13.10 -1.10
CA ARG A 1481 -31.36 -13.14 -2.44
C ARG A 1481 -29.83 -13.12 -2.40
N VAL A 1482 -29.26 -12.34 -1.46
CA VAL A 1482 -27.81 -12.24 -1.37
C VAL A 1482 -27.22 -13.52 -0.79
N LEU A 1483 -27.94 -14.15 0.14
CA LEU A 1483 -27.40 -15.32 0.82
C LEU A 1483 -27.30 -16.54 -0.06
N ARG A 1484 -27.91 -16.53 -1.26
CA ARG A 1484 -27.81 -17.69 -2.13
C ARG A 1484 -26.42 -17.85 -2.72
N ILE A 1485 -25.53 -16.87 -2.50
CA ILE A 1485 -24.13 -17.04 -2.89
C ILE A 1485 -23.45 -18.13 -2.09
N ALA A 1486 -24.11 -18.63 -1.04
CA ALA A 1486 -23.50 -19.69 -0.23
C ALA A 1486 -23.36 -21.00 -0.98
N ARG A 1487 -24.05 -21.15 -2.12
CA ARG A 1487 -23.92 -22.39 -2.89
C ARG A 1487 -22.51 -22.57 -3.44
N VAL A 1488 -21.70 -21.51 -3.47
CA VAL A 1488 -20.33 -21.63 -3.94
C VAL A 1488 -19.52 -22.52 -3.01
N LEU A 1489 -19.91 -22.58 -1.73
CA LEU A 1489 -19.17 -23.40 -0.77
C LEU A 1489 -19.25 -24.88 -1.13
N LYS A 1490 -20.24 -25.28 -1.91
CA LYS A 1490 -20.35 -26.68 -2.30
C LYS A 1490 -19.30 -27.08 -3.33
N LEU A 1491 -18.65 -26.10 -3.96
CA LEU A 1491 -17.48 -26.41 -4.79
C LEU A 1491 -16.23 -26.61 -3.95
N LEU A 1492 -16.17 -25.96 -2.78
CA LEU A 1492 -14.98 -26.04 -1.96
C LEU A 1492 -14.63 -27.48 -1.61
N LYS A 1493 -15.63 -28.37 -1.56
CA LYS A 1493 -15.36 -29.77 -1.27
C LYS A 1493 -14.47 -30.39 -2.34
N MET A 1494 -14.73 -30.09 -3.61
CA MET A 1494 -13.92 -30.65 -4.68
C MET A 1494 -12.52 -30.08 -4.68
N ALA A 1495 -12.33 -28.88 -4.14
CA ALA A 1495 -11.02 -28.22 -4.13
C ALA A 1495 -10.20 -28.75 -2.96
N THR A 1496 -9.60 -29.92 -3.18
CA THR A 1496 -8.77 -30.52 -2.14
C THR A 1496 -7.47 -29.75 -1.97
N GLY A 1497 -6.88 -29.31 -3.08
CA GLY A 1497 -5.65 -28.53 -3.00
C GLY A 1497 -5.85 -27.22 -2.26
N MET A 1498 -6.95 -26.52 -2.55
CA MET A 1498 -7.20 -25.24 -1.92
C MET A 1498 -7.47 -25.41 -0.43
N ARG A 1499 -8.18 -26.47 -0.05
CA ARG A 1499 -8.44 -26.72 1.36
C ARG A 1499 -7.14 -26.91 2.14
N ALA A 1500 -6.17 -27.59 1.52
CA ALA A 1500 -4.87 -27.75 2.16
C ALA A 1500 -4.18 -26.40 2.33
N LEU A 1501 -4.28 -25.54 1.31
CA LEU A 1501 -3.70 -24.20 1.40
C LEU A 1501 -4.36 -23.41 2.54
N LEU A 1502 -5.70 -23.43 2.58
CA LEU A 1502 -6.40 -22.74 3.67
C LEU A 1502 -6.01 -23.32 5.02
N ASP A 1503 -5.83 -24.63 5.10
CA ASP A 1503 -5.42 -25.25 6.35
C ASP A 1503 -4.09 -24.68 6.83
N THR A 1504 -3.17 -24.39 5.90
CA THR A 1504 -1.88 -23.83 6.28
C THR A 1504 -2.05 -22.58 7.14
N VAL A 1505 -3.13 -21.82 6.90
CA VAL A 1505 -3.38 -20.64 7.71
C VAL A 1505 -4.06 -21.04 9.02
N VAL A 1506 -4.86 -22.10 8.99
CA VAL A 1506 -5.66 -22.47 10.18
C VAL A 1506 -4.75 -23.02 11.27
N GLN A 1507 -3.62 -23.62 10.89
CA GLN A 1507 -2.70 -24.15 11.89
C GLN A 1507 -1.85 -23.04 12.51
N ALA A 1508 -1.83 -21.87 11.90
CA ALA A 1508 -0.97 -20.77 12.36
C ALA A 1508 -1.71 -19.75 13.21
N LEU A 1509 -2.95 -20.02 13.61
CA LEU A 1509 -3.69 -19.12 14.49
C LEU A 1509 -3.03 -18.91 15.85
N PRO A 1510 -2.45 -19.92 16.51
CA PRO A 1510 -1.86 -19.65 17.83
C PRO A 1510 -0.73 -18.64 17.79
N GLN A 1511 -0.03 -18.51 16.66
CA GLN A 1511 0.96 -17.44 16.52
C GLN A 1511 0.34 -16.21 15.88
N VAL A 1512 -0.43 -16.40 14.81
CA VAL A 1512 -1.06 -15.26 14.15
C VAL A 1512 -2.13 -14.64 15.04
N GLY A 1513 -2.74 -15.43 15.91
CA GLY A 1513 -3.79 -14.89 16.78
C GLY A 1513 -3.24 -13.93 17.82
N ASN A 1514 -2.12 -14.30 18.44
CA ASN A 1514 -1.53 -13.42 19.45
C ASN A 1514 -1.04 -12.12 18.83
N LEU A 1515 -0.46 -12.20 17.63
CA LEU A 1515 -0.04 -10.98 16.94
C LEU A 1515 -1.25 -10.10 16.61
N GLY A 1516 -2.40 -10.73 16.32
CA GLY A 1516 -3.60 -9.96 16.08
C GLY A 1516 -4.01 -9.15 17.29
N LEU A 1517 -3.85 -9.72 18.49
CA LEU A 1517 -4.14 -8.98 19.72
C LEU A 1517 -3.23 -7.76 19.83
N LEU A 1518 -1.95 -7.93 19.52
CA LEU A 1518 -1.03 -6.80 19.55
C LEU A 1518 -1.42 -5.76 18.50
N PHE A 1519 -1.88 -6.22 17.34
CA PHE A 1519 -2.32 -5.30 16.29
C PHE A 1519 -3.52 -4.47 16.75
N MET A 1520 -4.48 -5.13 17.41
CA MET A 1520 -5.64 -4.41 17.93
C MET A 1520 -5.26 -3.52 19.09
N LEU A 1521 -4.29 -3.95 19.92
CA LEU A 1521 -3.83 -3.11 21.02
C LEU A 1521 -3.10 -1.88 20.50
N LEU A 1522 -2.38 -2.02 19.39
CA LEU A 1522 -1.73 -0.87 18.77
C LEU A 1522 -2.77 0.14 18.31
N PHE A 1523 -3.83 -0.32 17.66
CA PHE A 1523 -4.89 0.58 17.21
C PHE A 1523 -5.54 1.29 18.38
N PHE A 1524 -5.73 0.59 19.49
CA PHE A 1524 -6.45 1.17 20.62
C PHE A 1524 -5.70 2.36 21.20
N ILE A 1525 -4.39 2.22 21.39
CA ILE A 1525 -3.61 3.31 21.98
C ILE A 1525 -3.53 4.50 21.04
N TYR A 1526 -3.26 4.23 19.75
CA TYR A 1526 -3.20 5.33 18.79
C TYR A 1526 -4.58 5.89 18.47
N ALA A 1527 -5.62 5.05 18.55
CA ALA A 1527 -6.98 5.56 18.34
C ALA A 1527 -7.36 6.53 19.44
N ALA A 1528 -6.98 6.22 20.68
CA ALA A 1528 -7.27 7.12 21.79
C ALA A 1528 -6.37 8.35 21.75
N LEU A 1529 -5.12 8.17 21.34
CA LEU A 1529 -4.20 9.30 21.21
C LEU A 1529 -4.62 10.23 20.08
N GLY A 1530 -5.10 9.66 18.98
CA GLY A 1530 -5.52 10.49 17.86
C GLY A 1530 -6.65 11.43 18.21
N VAL A 1531 -7.60 10.98 19.03
CA VAL A 1531 -8.71 11.83 19.41
C VAL A 1531 -8.22 13.02 20.22
N GLU A 1532 -7.24 12.78 21.10
CA GLU A 1532 -6.69 13.86 21.92
C GLU A 1532 -5.99 14.89 21.05
N LEU A 1533 -5.22 14.43 20.07
CA LEU A 1533 -4.42 15.34 19.25
C LEU A 1533 -5.29 16.01 18.18
N PHE A 1534 -5.89 15.20 17.31
CA PHE A 1534 -6.58 15.71 16.13
C PHE A 1534 -8.10 15.61 16.24
N GLY A 1535 -8.64 15.69 17.46
CA GLY A 1535 -10.07 15.55 17.63
C GLY A 1535 -10.85 16.81 17.28
N ARG A 1536 -10.20 17.97 17.36
CA ARG A 1536 -10.86 19.25 17.16
C ARG A 1536 -10.52 19.90 15.83
N LEU A 1537 -9.82 19.20 14.93
CA LEU A 1537 -9.49 19.76 13.63
C LEU A 1537 -10.74 19.85 12.78
N GLU A 1538 -11.03 21.04 12.28
CA GLU A 1538 -12.17 21.27 11.41
C GLU A 1538 -11.74 21.28 9.94
N CYS A 1539 -12.72 21.19 9.06
CA CYS A 1539 -12.53 21.34 7.63
C CYS A 1539 -13.62 22.23 7.09
N SER A 1540 -13.25 23.17 6.21
CA SER A 1540 -14.19 24.13 5.67
C SER A 1540 -13.60 24.75 4.41
N GLU A 1541 -14.47 25.38 3.62
CA GLU A 1541 -14.01 26.08 2.43
C GLU A 1541 -13.05 27.20 2.77
N ASP A 1542 -13.13 27.73 4.00
CA ASP A 1542 -12.20 28.76 4.44
C ASP A 1542 -10.86 28.12 4.79
N ASN A 1543 -10.89 26.99 5.49
CA ASN A 1543 -9.70 26.28 5.94
C ASN A 1543 -9.73 24.87 5.34
N PRO A 1544 -9.53 24.73 4.04
CA PRO A 1544 -9.69 23.42 3.41
C PRO A 1544 -8.66 22.42 3.91
N CYS A 1545 -9.01 21.14 3.78
CA CYS A 1545 -8.19 20.04 4.25
C CYS A 1545 -8.13 18.95 3.19
N GLU A 1546 -6.96 18.34 3.05
CA GLU A 1546 -6.65 17.48 1.91
C GLU A 1546 -6.94 16.01 2.16
N GLY A 1547 -6.80 15.54 3.40
CA GLY A 1547 -6.97 14.13 3.69
C GLY A 1547 -8.19 13.85 4.54
N LEU A 1548 -8.47 14.74 5.48
CA LEU A 1548 -9.64 14.60 6.34
C LEU A 1548 -10.89 15.01 5.59
N SER A 1549 -12.03 14.51 6.05
CA SER A 1549 -13.30 14.76 5.39
C SER A 1549 -14.42 14.44 6.38
N ARG A 1550 -15.62 14.20 5.85
CA ARG A 1550 -16.73 13.81 6.71
C ARG A 1550 -16.68 12.32 7.06
N HIS A 1551 -15.87 11.54 6.35
CA HIS A 1551 -15.76 10.11 6.59
C HIS A 1551 -14.51 9.74 7.37
N ALA A 1552 -13.46 10.57 7.34
CA ALA A 1552 -12.22 10.33 8.03
C ALA A 1552 -11.99 11.43 9.04
N THR A 1553 -12.16 11.12 10.33
CA THR A 1553 -12.00 12.10 11.38
C THR A 1553 -11.53 11.40 12.65
N PHE A 1554 -10.96 12.20 13.56
CA PHE A 1554 -10.64 11.75 14.91
C PHE A 1554 -11.57 12.36 15.95
N SER A 1555 -12.80 12.70 15.56
CA SER A 1555 -13.72 13.36 16.47
C SER A 1555 -14.20 12.43 17.58
N ASN A 1556 -13.95 11.12 17.47
CA ASN A 1556 -14.31 10.19 18.52
C ASN A 1556 -13.54 8.89 18.30
N PHE A 1557 -13.59 8.03 19.31
CA PHE A 1557 -12.83 6.78 19.26
C PHE A 1557 -13.30 5.90 18.09
N GLY A 1558 -14.60 5.88 17.82
CA GLY A 1558 -15.10 5.08 16.72
C GLY A 1558 -14.55 5.52 15.38
N MET A 1559 -14.58 6.83 15.13
CA MET A 1559 -14.08 7.36 13.86
C MET A 1559 -12.56 7.28 13.78
N ALA A 1560 -11.86 7.40 14.91
CA ALA A 1560 -10.41 7.30 14.90
C ALA A 1560 -9.96 5.89 14.57
N PHE A 1561 -10.70 4.89 15.08
CA PHE A 1561 -10.38 3.50 14.74
C PHE A 1561 -10.50 3.26 13.24
N LEU A 1562 -11.58 3.76 12.63
CA LEU A 1562 -11.76 3.59 11.20
C LEU A 1562 -10.67 4.34 10.41
N THR A 1563 -10.25 5.50 10.92
CA THR A 1563 -9.25 6.29 10.21
C THR A 1563 -7.89 5.59 10.24
N LEU A 1564 -7.54 4.99 11.38
CA LEU A 1564 -6.23 4.35 11.47
C LEU A 1564 -6.14 3.14 10.57
N PHE A 1565 -7.26 2.49 10.28
CA PHE A 1565 -7.24 1.38 9.33
C PHE A 1565 -6.88 1.87 7.93
N ARG A 1566 -7.40 3.04 7.55
CA ARG A 1566 -6.99 3.66 6.29
C ARG A 1566 -5.49 3.96 6.31
N VAL A 1567 -4.99 4.50 7.43
CA VAL A 1567 -3.56 4.78 7.56
C VAL A 1567 -2.76 3.48 7.51
N SER A 1568 -3.29 2.43 8.14
CA SER A 1568 -2.59 1.16 8.18
C SER A 1568 -2.40 0.60 6.77
N THR A 1569 -3.46 0.65 5.95
CA THR A 1569 -3.34 0.22 4.56
C THR A 1569 -2.45 1.14 3.76
N GLY A 1570 -2.25 2.37 4.21
CA GLY A 1570 -1.41 3.32 3.50
C GLY A 1570 -2.12 4.12 2.43
N ASP A 1571 -3.44 4.12 2.42
CA ASP A 1571 -4.21 4.82 1.38
C ASP A 1571 -4.28 6.29 1.74
N ASN A 1572 -3.42 7.09 1.10
CA ASN A 1572 -3.43 8.54 1.26
C ASN A 1572 -3.29 8.94 2.73
N TRP A 1573 -2.46 8.20 3.46
CA TRP A 1573 -2.15 8.59 4.83
C TRP A 1573 -1.38 9.90 4.87
N ASN A 1574 -0.63 10.20 3.81
CA ASN A 1574 0.14 11.44 3.77
C ASN A 1574 -0.78 12.66 3.70
N GLY A 1575 -1.97 12.48 3.12
CA GLY A 1575 -2.92 13.57 3.07
C GLY A 1575 -3.47 13.94 4.43
N ILE A 1576 -3.65 12.94 5.30
CA ILE A 1576 -4.16 13.20 6.63
C ILE A 1576 -3.13 13.97 7.45
N MET A 1577 -1.84 13.63 7.27
CA MET A 1577 -0.82 14.31 8.06
C MET A 1577 -0.72 15.78 7.68
N LYS A 1578 -0.85 16.08 6.39
CA LYS A 1578 -0.87 17.48 5.97
C LYS A 1578 -1.87 18.29 6.78
N ASP A 1579 -3.08 17.76 6.92
CA ASP A 1579 -4.14 18.50 7.60
C ASP A 1579 -3.81 18.81 9.05
N THR A 1580 -2.92 18.04 9.66
CA THR A 1580 -2.46 18.32 11.01
C THR A 1580 -1.24 19.23 11.04
N LEU A 1581 -0.51 19.33 9.93
CA LEU A 1581 0.62 20.23 9.83
C LEU A 1581 0.20 21.67 9.55
N ARG A 1582 -1.03 21.88 9.10
CA ARG A 1582 -1.46 23.22 8.72
C ARG A 1582 -1.84 24.04 9.96
N GLU A 1583 -1.58 25.33 9.87
CA GLU A 1583 -1.53 26.20 11.04
C GLU A 1583 -2.93 26.46 11.61
N CYS A 1584 -2.95 26.95 12.84
CA CYS A 1584 -4.22 27.30 13.47
C CYS A 1584 -4.69 28.67 13.01
N SER A 1585 -6.00 28.89 13.14
CA SER A 1585 -6.56 30.18 12.78
C SER A 1585 -6.24 31.20 13.86
N ARG A 1586 -6.15 32.47 13.44
CA ARG A 1586 -5.94 33.54 14.40
C ARG A 1586 -7.19 33.79 15.25
N GLU A 1587 -8.36 33.47 14.70
CA GLU A 1587 -9.61 33.76 15.39
C GLU A 1587 -10.00 32.63 16.35
N ASP A 1588 -9.61 31.41 16.03
CA ASP A 1588 -10.18 30.25 16.71
C ASP A 1588 -9.45 29.95 18.01
N LYS A 1589 -10.10 29.16 18.85
CA LYS A 1589 -9.59 28.81 20.16
C LYS A 1589 -8.99 27.40 20.11
N HIS A 1590 -8.69 26.84 21.28
CA HIS A 1590 -8.30 25.44 21.45
C HIS A 1590 -7.18 25.00 20.50
N CYS A 1591 -6.24 25.88 20.18
CA CYS A 1591 -5.11 25.48 19.37
C CYS A 1591 -4.00 24.89 20.24
N LEU A 1592 -3.19 24.04 19.61
CA LEU A 1592 -1.97 23.49 20.22
C LEU A 1592 -0.84 23.89 19.28
N SER A 1593 -0.10 24.94 19.66
CA SER A 1593 0.84 25.57 18.75
C SER A 1593 1.95 24.63 18.30
N TYR A 1594 2.24 23.58 19.06
CA TYR A 1594 3.31 22.65 18.74
C TYR A 1594 2.78 21.33 18.18
N LEU A 1595 1.57 21.33 17.61
CA LEU A 1595 1.07 20.12 16.96
C LEU A 1595 1.83 19.78 15.70
N PRO A 1596 2.25 20.73 14.86
CA PRO A 1596 3.05 20.35 13.68
C PRO A 1596 4.33 19.63 14.02
N ALA A 1597 4.82 19.74 15.25
CA ALA A 1597 6.01 19.00 15.65
C ALA A 1597 5.67 17.60 16.13
N LEU A 1598 4.49 17.43 16.74
CA LEU A 1598 4.09 16.13 17.24
C LEU A 1598 3.57 15.25 16.11
N SER A 1599 2.95 15.84 15.10
CA SER A 1599 2.27 15.06 14.06
C SER A 1599 3.18 14.06 13.36
N PRO A 1600 4.37 14.44 12.89
CA PRO A 1600 5.22 13.44 12.23
C PRO A 1600 5.54 12.25 13.12
N VAL A 1601 5.74 12.48 14.42
CA VAL A 1601 6.08 11.39 15.33
C VAL A 1601 4.93 10.42 15.44
N TYR A 1602 3.69 10.94 15.47
CA TYR A 1602 2.52 10.07 15.59
C TYR A 1602 2.40 9.16 14.36
N PHE A 1603 2.47 9.74 13.16
CA PHE A 1603 2.29 8.94 11.95
C PHE A 1603 3.50 8.08 11.65
N VAL A 1604 4.71 8.57 11.93
CA VAL A 1604 5.91 7.81 11.60
C VAL A 1604 5.98 6.54 12.44
N THR A 1605 5.73 6.66 13.75
CA THR A 1605 5.83 5.50 14.62
C THR A 1605 4.72 4.50 14.34
N PHE A 1606 3.50 4.99 14.10
CA PHE A 1606 2.39 4.09 13.81
C PHE A 1606 2.65 3.29 12.53
N VAL A 1607 3.16 3.95 11.50
CA VAL A 1607 3.39 3.28 10.22
C VAL A 1607 4.44 2.19 10.38
N LEU A 1608 5.54 2.50 11.08
CA LEU A 1608 6.61 1.53 11.23
C LEU A 1608 6.17 0.35 12.08
N VAL A 1609 5.53 0.60 13.22
CA VAL A 1609 5.09 -0.47 14.10
C VAL A 1609 4.04 -1.33 13.42
N ALA A 1610 3.10 -0.68 12.71
CA ALA A 1610 2.03 -1.43 12.06
C ALA A 1610 2.59 -2.36 10.99
N GLN A 1611 3.53 -1.87 10.17
CA GLN A 1611 4.13 -2.70 9.15
C GLN A 1611 4.93 -3.84 9.75
N PHE A 1612 5.70 -3.56 10.81
CA PHE A 1612 6.52 -4.58 11.43
C PHE A 1612 5.67 -5.72 11.98
N VAL A 1613 4.56 -5.39 12.62
CA VAL A 1613 3.70 -6.42 13.19
C VAL A 1613 3.13 -7.31 12.09
N LEU A 1614 2.69 -6.69 10.99
CA LEU A 1614 2.12 -7.47 9.89
C LEU A 1614 3.18 -8.28 9.17
N VAL A 1615 4.44 -7.85 9.20
CA VAL A 1615 5.50 -8.62 8.58
C VAL A 1615 5.69 -9.95 9.31
N ASN A 1616 5.66 -9.91 10.64
CA ASN A 1616 5.85 -11.14 11.41
C ASN A 1616 4.69 -12.10 11.20
N VAL A 1617 3.50 -11.57 10.89
CA VAL A 1617 2.37 -12.44 10.60
C VAL A 1617 2.63 -13.25 9.34
N VAL A 1618 3.24 -12.63 8.34
CA VAL A 1618 3.58 -13.34 7.10
C VAL A 1618 4.67 -14.36 7.38
N VAL A 1619 5.63 -14.01 8.23
CA VAL A 1619 6.71 -14.94 8.55
C VAL A 1619 6.17 -16.15 9.31
N ALA A 1620 5.23 -15.91 10.23
CA ALA A 1620 4.65 -17.00 11.00
C ALA A 1620 4.00 -18.03 10.08
N VAL A 1621 3.27 -17.54 9.07
CA VAL A 1621 2.64 -18.45 8.12
C VAL A 1621 3.69 -19.08 7.21
N LEU A 1622 4.72 -18.31 6.86
CA LEU A 1622 5.74 -18.82 5.95
C LEU A 1622 6.53 -19.95 6.58
N MET A 1623 6.87 -19.82 7.85
CA MET A 1623 7.61 -20.88 8.54
C MET A 1623 6.76 -22.14 8.65
N LYS A 1624 5.51 -22.00 9.07
CA LYS A 1624 4.66 -23.16 9.25
C LYS A 1624 4.53 -23.96 7.95
N HIS A 1625 4.37 -23.27 6.83
CA HIS A 1625 4.23 -23.96 5.55
C HIS A 1625 5.49 -24.76 5.23
N LEU A 1626 6.66 -24.21 5.56
CA LEU A 1626 7.92 -24.90 5.26
C LEU A 1626 8.05 -26.16 6.11
N GLU A 1627 7.81 -26.05 7.42
CA GLU A 1627 7.91 -27.22 8.28
C GLU A 1627 6.79 -28.21 7.97
N GLU A 1628 5.59 -27.71 7.71
CA GLU A 1628 4.48 -28.59 7.36
C GLU A 1628 4.78 -29.34 6.06
N SER A 1629 5.38 -28.65 5.10
CA SER A 1629 5.75 -29.27 3.83
C SER A 1629 7.08 -30.01 3.96
#